data_5NBD
#
_entry.id   5NBD
#
_cell.length_a   84.340
_cell.length_b   142.660
_cell.length_c   199.480
_cell.angle_alpha   90.000
_cell.angle_beta   90.000
_cell.angle_gamma   90.000
#
_symmetry.space_group_name_H-M   'P 2 21 21'
#
loop_
_entity.id
_entity.type
_entity.pdbx_description
1 polymer 'WlaB protein'
2 polymer Nanobody
3 non-polymer "ADENOSINE-5'-DIPHOSPHATE"
#
loop_
_entity_poly.entity_id
_entity_poly.type
_entity_poly.pdbx_seq_one_letter_code
_entity_poly.pdbx_strand_id
1 'polypeptide(L)'
;MVKKLFFILSKEDKNFLFFLLVFSVFVSFIETFAISLVMPFITLASDFSYFDRNKYLISLKEYLNIPVFEIIVYFGVGLI
VFYVFRALLNAYYFHLLARFSKGRKHAIAYKVFSKFLNINYEKFTQKNQSEILKSITGEVYNLSTMISSFLLLMSEIFVV
LLLYALMLLINYKITLFLSIFMVLNAFILVKILSPIIKKAGLRREEAMKNFFEILNTNLNNFKFIKLKTKEDGVLSLFKA
QSEAFSKANITNESVAAVPRIYLEGIGFCVLVFIVVFLVLKNESDISGILSTISIFVLALYRLMPSANRIITSYHDLLYY
HSSLNIIYQNLRQEEENLGEGKLSFNQELKICNLSFGYEGKKYLFKNLNLNIKKGEKIAFIGESGCGKSTLVDLIIGLLK
PKEGQILIDKQELNASNAKNYRQKIGYIPQNIYLFNDSIAKNITFGDAVDEEKLNKVIKQANLEHFIKNLPQGVQTKVGD
GGSNLSGGQKQRIAIARALYLEPEILVLDQATSALDTQSEAKIMDEIYKISKDKTMIIIAHRLSTITQCDKVYRLEHGKL
KEEK
;
A,B
2 'polypeptide(L)'
;QVQLQESGGGLVQPGGSLRLSCAASGFTFSSYAMSWVRQAPGKGLEWVSAITSGGGSTSYSDAVKGRFTISRDNAKNTLY
LQMNSLKPEDTAVYYCAKGYVVDFLDLAEYDSWGQGTQVTVSS
;
C
#
loop_
_chem_comp.id
_chem_comp.type
_chem_comp.name
_chem_comp.formula
ADP non-polymer ADENOSINE-5'-DIPHOSPHATE 'C10 H15 N5 O10 P2'
#
# COMPACT_ATOMS: atom_id res chain seq x y z
N MET A 1 26.84 -2.23 13.87
CA MET A 1 25.46 -2.58 13.54
C MET A 1 25.42 -3.86 12.73
N VAL A 2 26.60 -4.35 12.33
CA VAL A 2 26.70 -5.59 11.55
C VAL A 2 26.49 -6.83 12.40
N LYS A 3 26.57 -6.73 13.74
CA LYS A 3 26.36 -7.88 14.60
C LYS A 3 24.95 -8.43 14.51
N LYS A 4 23.96 -7.61 14.13
CA LYS A 4 22.59 -8.08 13.96
C LYS A 4 22.44 -9.04 12.79
N LEU A 5 23.44 -9.13 11.91
CA LEU A 5 23.33 -9.94 10.71
C LEU A 5 23.54 -11.43 11.02
N PHE A 6 24.68 -11.77 11.62
CA PHE A 6 25.02 -13.17 11.84
C PHE A 6 24.06 -13.86 12.80
N PHE A 7 23.33 -13.11 13.62
CA PHE A 7 22.38 -13.73 14.54
C PHE A 7 21.23 -14.39 13.79
N ILE A 8 20.87 -13.86 12.63
CA ILE A 8 19.76 -14.41 11.85
C ILE A 8 20.23 -15.49 10.90
N LEU A 9 21.27 -15.22 10.11
CA LEU A 9 21.75 -16.15 9.11
C LEU A 9 22.64 -17.22 9.74
N SER A 10 22.58 -18.42 9.16
CA SER A 10 23.31 -19.58 9.66
C SER A 10 24.59 -19.77 8.84
N LYS A 11 25.17 -20.97 8.88
CA LYS A 11 26.40 -21.23 8.14
C LYS A 11 26.13 -21.37 6.65
N GLU A 12 25.04 -22.05 6.29
CA GLU A 12 24.69 -22.20 4.88
C GLU A 12 24.43 -20.85 4.24
N ASP A 13 23.75 -19.96 4.95
CA ASP A 13 23.51 -18.61 4.45
C ASP A 13 24.77 -17.76 4.40
N LYS A 14 25.87 -18.26 4.97
CA LYS A 14 27.19 -17.62 4.84
C LYS A 14 28.03 -18.22 3.74
N ASN A 15 28.02 -19.55 3.59
CA ASN A 15 28.67 -20.18 2.45
C ASN A 15 28.05 -19.73 1.14
N PHE A 16 26.74 -19.47 1.13
CA PHE A 16 26.08 -18.97 -0.06
C PHE A 16 26.28 -17.47 -0.27
N LEU A 17 26.56 -16.73 0.81
CA LEU A 17 26.86 -15.31 0.66
C LEU A 17 28.25 -15.11 0.06
N PHE A 18 29.23 -15.91 0.51
CA PHE A 18 30.54 -15.88 -0.12
C PHE A 18 30.47 -16.39 -1.55
N PHE A 19 29.59 -17.37 -1.80
CA PHE A 19 29.35 -17.85 -3.16
C PHE A 19 28.96 -16.71 -4.08
N LEU A 20 28.13 -15.79 -3.61
CA LEU A 20 27.65 -14.69 -4.44
C LEU A 20 28.64 -13.53 -4.50
N LEU A 21 29.37 -13.28 -3.42
CA LEU A 21 30.24 -12.10 -3.39
C LEU A 21 31.52 -12.34 -4.19
N VAL A 22 32.07 -13.54 -4.14
CA VAL A 22 33.23 -13.86 -4.97
C VAL A 22 32.83 -13.86 -6.44
N PHE A 23 31.65 -14.42 -6.75
CA PHE A 23 31.11 -14.32 -8.10
C PHE A 23 30.91 -12.85 -8.49
N SER A 24 30.51 -12.02 -7.52
CA SER A 24 30.33 -10.59 -7.79
C SER A 24 31.64 -9.94 -8.23
N VAL A 25 32.77 -10.40 -7.69
CA VAL A 25 34.06 -9.87 -8.12
C VAL A 25 34.48 -10.49 -9.45
N PHE A 26 34.14 -11.75 -9.67
CA PHE A 26 34.63 -12.45 -10.85
C PHE A 26 33.88 -12.03 -12.11
N VAL A 27 32.58 -11.76 -11.98
CA VAL A 27 31.79 -11.35 -13.15
C VAL A 27 32.31 -10.05 -13.73
N SER A 28 33.02 -9.25 -12.94
CA SER A 28 33.64 -8.04 -13.46
C SER A 28 34.80 -8.39 -14.39
N PHE A 29 35.61 -9.39 -14.03
CA PHE A 29 36.71 -9.81 -14.88
C PHE A 29 36.21 -10.42 -16.18
N ILE A 30 35.06 -11.10 -16.14
CA ILE A 30 34.51 -11.69 -17.34
C ILE A 30 34.06 -10.62 -18.32
N GLU A 31 33.41 -9.56 -17.82
CA GLU A 31 32.98 -8.46 -18.68
C GLU A 31 34.19 -7.76 -19.29
N THR A 32 35.18 -7.43 -18.47
CA THR A 32 36.38 -6.77 -18.97
C THR A 32 37.11 -7.66 -19.98
N PHE A 33 37.17 -8.97 -19.72
CA PHE A 33 37.81 -9.87 -20.67
C PHE A 33 37.01 -9.93 -21.97
N ALA A 34 35.68 -9.87 -21.87
CA ALA A 34 34.84 -9.84 -23.05
C ALA A 34 35.05 -8.56 -23.85
N ILE A 35 35.32 -7.45 -23.17
CA ILE A 35 35.62 -6.21 -23.87
C ILE A 35 37.07 -6.20 -24.35
N SER A 36 38.01 -6.61 -23.49
CA SER A 36 39.42 -6.59 -23.86
C SER A 36 39.76 -7.63 -24.91
N LEU A 37 38.86 -8.57 -25.21
CA LEU A 37 39.06 -9.47 -26.33
C LEU A 37 38.68 -8.84 -27.66
N VAL A 38 38.09 -7.64 -27.63
CA VAL A 38 37.69 -6.97 -28.88
C VAL A 38 38.90 -6.32 -29.54
N MET A 39 39.64 -5.51 -28.79
CA MET A 39 40.75 -4.76 -29.38
C MET A 39 41.77 -5.64 -30.09
N PRO A 40 42.17 -6.81 -29.58
CA PRO A 40 43.03 -7.69 -30.39
C PRO A 40 42.34 -8.19 -31.64
N PHE A 41 41.11 -8.71 -31.52
CA PHE A 41 40.42 -9.26 -32.67
C PHE A 41 40.22 -8.22 -33.77
N ILE A 42 40.04 -6.96 -33.40
CA ILE A 42 39.81 -5.93 -34.41
C ILE A 42 41.12 -5.36 -34.94
N THR A 43 42.17 -5.29 -34.11
CA THR A 43 43.46 -4.82 -34.61
C THR A 43 44.14 -5.86 -35.50
N LEU A 44 43.69 -7.12 -35.45
CA LEU A 44 44.16 -8.15 -36.36
C LEU A 44 43.25 -8.28 -37.58
N ALA A 45 41.97 -7.97 -37.43
CA ALA A 45 41.06 -8.02 -38.58
C ALA A 45 41.41 -6.96 -39.60
N SER A 46 41.87 -5.80 -39.14
CA SER A 46 42.20 -4.70 -40.05
C SER A 46 43.59 -4.89 -40.65
N ASP A 47 44.61 -4.92 -39.81
CA ASP A 47 46.00 -5.06 -40.26
C ASP A 47 46.36 -6.55 -40.26
N PHE A 48 46.22 -7.19 -41.43
CA PHE A 48 46.56 -8.60 -41.54
C PHE A 48 48.04 -8.86 -41.26
N SER A 49 48.89 -7.85 -41.47
CA SER A 49 50.34 -8.04 -41.36
C SER A 49 50.78 -8.34 -39.94
N TYR A 50 49.92 -8.12 -38.94
CA TYR A 50 50.26 -8.48 -37.58
C TYR A 50 50.50 -9.98 -37.41
N PHE A 51 49.95 -10.81 -38.31
CA PHE A 51 50.09 -12.25 -38.23
C PHE A 51 51.41 -12.77 -38.79
N ASP A 52 52.35 -11.88 -39.11
CA ASP A 52 53.72 -12.25 -39.45
C ASP A 52 54.67 -11.21 -38.84
N ARG A 53 54.48 -10.94 -37.55
CA ARG A 53 55.28 -9.97 -36.81
C ARG A 53 55.02 -10.16 -35.33
N ASN A 54 55.91 -9.58 -34.52
CA ASN A 54 55.79 -9.55 -33.05
C ASN A 54 55.96 -10.94 -32.45
N LYS A 55 56.53 -11.02 -31.24
CA LYS A 55 56.73 -12.29 -30.56
C LYS A 55 55.44 -12.86 -29.99
N TYR A 56 54.33 -12.63 -30.66
CA TYR A 56 53.02 -13.14 -30.21
C TYR A 56 52.16 -13.71 -31.33
N LEU A 57 52.33 -13.29 -32.59
CA LEU A 57 51.46 -13.72 -33.69
C LEU A 57 52.34 -13.99 -34.91
N ILE A 58 52.89 -15.20 -34.99
CA ILE A 58 53.77 -15.57 -36.09
C ILE A 58 53.64 -17.06 -36.40
N SER A 59 53.95 -17.90 -35.41
CA SER A 59 53.94 -19.35 -35.64
C SER A 59 52.53 -19.89 -35.80
N LEU A 60 51.58 -19.33 -35.06
CA LEU A 60 50.19 -19.76 -35.17
C LEU A 60 49.63 -19.51 -36.57
N LYS A 61 50.26 -18.64 -37.35
CA LYS A 61 49.80 -18.38 -38.71
C LYS A 61 49.94 -19.61 -39.60
N GLU A 62 50.96 -20.43 -39.37
CA GLU A 62 51.20 -21.63 -40.17
C GLU A 62 50.98 -22.91 -39.37
N TYR A 63 50.03 -22.89 -38.44
CA TYR A 63 49.60 -24.08 -37.71
C TYR A 63 48.15 -24.35 -38.10
N LEU A 64 47.97 -25.09 -39.18
CA LEU A 64 46.67 -25.49 -39.73
C LEU A 64 45.88 -24.33 -40.34
N ASN A 65 46.36 -23.09 -40.16
CA ASN A 65 45.56 -21.93 -40.55
C ASN A 65 45.60 -21.70 -42.07
N ILE A 66 46.79 -21.70 -42.66
CA ILE A 66 47.07 -21.49 -44.08
C ILE A 66 46.95 -20.00 -44.41
N PRO A 67 45.77 -19.39 -44.82
CA PRO A 67 45.82 -17.95 -45.10
C PRO A 67 45.42 -17.11 -43.89
N VAL A 68 45.38 -15.80 -44.06
CA VAL A 68 45.10 -14.90 -42.94
C VAL A 68 43.61 -14.68 -42.75
N PHE A 69 42.84 -14.62 -43.84
CA PHE A 69 41.41 -14.37 -43.73
C PHE A 69 40.68 -15.49 -43.02
N GLU A 70 41.23 -16.71 -43.03
CA GLU A 70 40.59 -17.83 -42.36
C GLU A 70 40.71 -17.76 -40.84
N ILE A 71 41.82 -17.21 -40.34
CA ILE A 71 42.04 -17.19 -38.89
C ILE A 71 41.29 -16.04 -38.24
N ILE A 72 41.15 -14.89 -38.92
CA ILE A 72 40.41 -13.77 -38.34
C ILE A 72 38.94 -14.14 -38.18
N VAL A 73 38.38 -14.86 -39.15
CA VAL A 73 37.02 -15.36 -39.00
C VAL A 73 36.93 -16.30 -37.81
N TYR A 74 37.90 -17.20 -37.68
CA TYR A 74 37.96 -18.09 -36.51
C TYR A 74 38.00 -17.28 -35.22
N PHE A 75 38.76 -16.18 -35.21
CA PHE A 75 38.78 -15.32 -34.04
C PHE A 75 37.41 -14.69 -33.80
N GLY A 76 36.67 -14.41 -34.86
CA GLY A 76 35.34 -13.84 -34.70
C GLY A 76 34.38 -14.77 -33.99
N VAL A 77 34.31 -16.02 -34.44
CA VAL A 77 33.44 -16.98 -33.78
C VAL A 77 33.95 -17.27 -32.37
N GLY A 78 35.26 -17.16 -32.15
CA GLY A 78 35.78 -17.29 -30.79
C GLY A 78 35.29 -16.18 -29.88
N LEU A 79 35.09 -14.98 -30.44
CA LEU A 79 34.55 -13.89 -29.65
C LEU A 79 33.06 -14.09 -29.39
N ILE A 80 32.29 -14.45 -30.43
CA ILE A 80 30.86 -14.64 -30.22
C ILE A 80 30.60 -15.88 -29.37
N VAL A 81 31.50 -16.88 -29.45
CA VAL A 81 31.44 -17.98 -28.49
C VAL A 81 31.65 -17.45 -27.08
N PHE A 82 32.65 -16.58 -26.90
CA PHE A 82 32.88 -15.98 -25.60
C PHE A 82 31.71 -15.08 -25.19
N TYR A 83 31.05 -14.44 -26.15
CA TYR A 83 29.93 -13.56 -25.82
C TYR A 83 28.65 -14.33 -25.54
N VAL A 84 28.43 -15.45 -26.23
CA VAL A 84 27.33 -16.33 -25.86
C VAL A 84 27.64 -17.04 -24.54
N PHE A 85 28.91 -17.40 -24.33
CA PHE A 85 29.32 -17.91 -23.02
C PHE A 85 29.15 -16.83 -21.96
N ARG A 86 29.46 -15.58 -22.29
CA ARG A 86 29.31 -14.50 -21.31
C ARG A 86 27.85 -14.21 -21.01
N ALA A 87 27.00 -14.27 -22.03
CA ALA A 87 25.57 -14.06 -21.82
C ALA A 87 24.97 -15.16 -20.95
N LEU A 88 25.37 -16.41 -21.19
CA LEU A 88 24.94 -17.50 -20.33
C LEU A 88 25.54 -17.36 -18.93
N LEU A 89 26.78 -16.88 -18.84
CA LEU A 89 27.42 -16.70 -17.55
C LEU A 89 26.67 -15.66 -16.72
N ASN A 90 26.41 -14.50 -17.30
CA ASN A 90 25.66 -13.46 -16.60
C ASN A 90 24.24 -13.92 -16.26
N ALA A 91 23.65 -14.76 -17.12
CA ALA A 91 22.32 -15.28 -16.83
C ALA A 91 22.33 -16.18 -15.60
N TYR A 92 23.43 -16.90 -15.38
CA TYR A 92 23.53 -17.76 -14.20
C TYR A 92 23.80 -16.95 -12.95
N TYR A 93 24.59 -15.88 -13.06
CA TYR A 93 24.84 -15.01 -11.92
C TYR A 93 23.56 -14.32 -11.46
N PHE A 94 22.81 -13.74 -12.41
CA PHE A 94 21.53 -13.13 -12.08
C PHE A 94 20.47 -14.16 -11.72
N HIS A 95 20.78 -15.45 -11.85
CA HIS A 95 19.87 -16.51 -11.40
C HIS A 95 20.14 -16.89 -9.94
N LEU A 96 21.41 -16.86 -9.52
CA LEU A 96 21.72 -17.16 -8.12
C LEU A 96 21.32 -16.01 -7.21
N LEU A 97 21.43 -14.77 -7.69
CA LEU A 97 21.05 -13.62 -6.87
C LEU A 97 19.57 -13.67 -6.50
N ALA A 98 18.71 -13.91 -7.50
CA ALA A 98 17.28 -14.00 -7.21
C ALA A 98 16.94 -15.23 -6.39
N ARG A 99 17.72 -16.30 -6.52
CA ARG A 99 17.49 -17.49 -5.72
C ARG A 99 17.84 -17.25 -4.26
N PHE A 100 18.86 -16.43 -4.00
CA PHE A 100 19.24 -16.11 -2.62
C PHE A 100 18.26 -15.13 -1.99
N SER A 101 17.84 -14.11 -2.74
CA SER A 101 16.91 -13.12 -2.19
C SER A 101 15.56 -13.75 -1.88
N LYS A 102 14.94 -14.38 -2.89
CA LYS A 102 13.65 -15.04 -2.68
C LYS A 102 13.79 -16.32 -1.87
N GLY A 103 15.01 -16.78 -1.62
CA GLY A 103 15.23 -17.90 -0.72
C GLY A 103 15.23 -17.46 0.72
N ARG A 104 15.79 -16.27 0.98
CA ARG A 104 15.72 -15.68 2.30
C ARG A 104 14.38 -14.99 2.57
N LYS A 105 13.62 -14.66 1.51
CA LYS A 105 12.25 -14.22 1.69
C LYS A 105 11.41 -15.29 2.36
N HIS A 106 11.74 -16.56 2.13
CA HIS A 106 11.06 -17.68 2.78
C HIS A 106 11.72 -18.06 4.10
N ALA A 107 13.05 -18.21 4.10
CA ALA A 107 13.75 -18.71 5.28
C ALA A 107 13.58 -17.77 6.47
N ILE A 108 13.60 -16.47 6.23
CA ILE A 108 13.44 -15.51 7.31
C ILE A 108 11.98 -15.40 7.72
N ALA A 109 11.09 -15.19 6.74
CA ALA A 109 9.68 -15.04 7.04
C ALA A 109 9.11 -16.25 7.77
N TYR A 110 9.66 -17.44 7.49
CA TYR A 110 9.22 -18.63 8.21
C TYR A 110 9.53 -18.53 9.70
N LYS A 111 10.70 -17.99 10.04
CA LYS A 111 11.06 -17.85 11.45
C LYS A 111 10.28 -16.72 12.10
N VAL A 112 10.10 -15.60 11.40
CA VAL A 112 9.38 -14.47 11.98
C VAL A 112 7.90 -14.81 12.16
N PHE A 113 7.32 -15.52 11.19
CA PHE A 113 5.94 -15.97 11.33
C PHE A 113 5.80 -16.97 12.47
N SER A 114 6.82 -17.82 12.67
CA SER A 114 6.81 -18.74 13.79
C SER A 114 6.98 -18.00 15.11
N LYS A 115 7.66 -16.86 15.11
CA LYS A 115 7.86 -16.09 16.33
C LYS A 115 6.57 -15.39 16.74
N PHE A 116 5.88 -14.76 15.79
CA PHE A 116 4.60 -14.11 16.08
C PHE A 116 3.49 -15.10 16.41
N LEU A 117 3.67 -16.38 16.10
CA LEU A 117 2.67 -17.40 16.40
C LEU A 117 2.76 -17.96 17.82
N ASN A 118 3.86 -17.70 18.53
CA ASN A 118 4.08 -18.30 19.84
C ASN A 118 4.14 -17.28 20.97
N ILE A 119 3.94 -15.99 20.69
CA ILE A 119 3.91 -14.99 21.75
C ILE A 119 2.63 -15.16 22.56
N ASN A 120 2.56 -14.49 23.72
CA ASN A 120 1.35 -14.55 24.53
C ASN A 120 0.19 -13.90 23.80
N TYR A 121 -1.03 -14.33 24.16
CA TYR A 121 -2.22 -13.87 23.44
C TYR A 121 -2.45 -12.38 23.61
N GLU A 122 -1.97 -11.80 24.71
CA GLU A 122 -2.16 -10.37 24.93
C GLU A 122 -1.28 -9.54 24.01
N LYS A 123 -0.05 -9.99 23.76
CA LYS A 123 0.85 -9.26 22.87
C LYS A 123 0.36 -9.31 21.44
N PHE A 124 -0.35 -10.38 21.05
CA PHE A 124 -0.89 -10.49 19.71
C PHE A 124 -2.18 -9.69 19.52
N THR A 125 -2.85 -9.33 20.61
CA THR A 125 -4.11 -8.60 20.51
C THR A 125 -3.90 -7.10 20.33
N GLN A 126 -2.81 -6.55 20.87
CA GLN A 126 -2.63 -5.10 20.87
C GLN A 126 -2.29 -4.53 19.50
N LYS A 127 -1.73 -5.33 18.60
CA LYS A 127 -1.31 -4.86 17.29
C LYS A 127 -2.20 -5.45 16.20
N ASN A 128 -2.45 -4.67 15.16
CA ASN A 128 -3.37 -5.07 14.10
C ASN A 128 -2.71 -6.07 13.16
N GLN A 129 -3.52 -6.64 12.27
CA GLN A 129 -3.05 -7.70 11.40
C GLN A 129 -2.15 -7.16 10.29
N SER A 130 -2.56 -6.06 9.66
CA SER A 130 -1.76 -5.48 8.57
C SER A 130 -0.36 -5.12 9.04
N GLU A 131 -0.22 -4.72 10.30
CA GLU A 131 1.10 -4.48 10.86
C GLU A 131 1.91 -5.77 10.92
N ILE A 132 1.33 -6.82 11.49
CA ILE A 132 2.04 -8.10 11.61
C ILE A 132 2.27 -8.70 10.23
N LEU A 133 1.25 -8.65 9.37
CA LEU A 133 1.40 -9.19 8.01
C LEU A 133 2.59 -8.57 7.30
N LYS A 134 2.65 -7.24 7.26
CA LYS A 134 3.80 -6.57 6.68
C LYS A 134 5.07 -6.80 7.48
N SER A 135 4.95 -7.16 8.76
CA SER A 135 6.12 -7.46 9.58
C SER A 135 6.70 -8.84 9.29
N ILE A 136 5.93 -9.70 8.63
CA ILE A 136 6.38 -11.06 8.32
C ILE A 136 6.43 -11.35 6.83
N THR A 137 5.96 -10.44 5.98
CA THR A 137 6.13 -10.61 4.53
C THR A 137 6.53 -9.33 3.82
N GLY A 138 6.32 -8.15 4.40
CA GLY A 138 6.78 -6.91 3.80
C GLY A 138 8.17 -6.55 4.27
N GLU A 139 8.43 -6.75 5.57
CA GLU A 139 9.77 -6.51 6.10
C GLU A 139 10.76 -7.52 5.56
N VAL A 140 10.35 -8.80 5.49
CA VAL A 140 11.20 -9.82 4.89
C VAL A 140 11.45 -9.51 3.43
N TYR A 141 10.47 -8.92 2.76
CA TYR A 141 10.64 -8.56 1.35
C TYR A 141 11.73 -7.52 1.17
N ASN A 142 11.75 -6.50 2.03
CA ASN A 142 12.72 -5.41 1.88
C ASN A 142 14.14 -5.89 2.22
N LEU A 143 14.29 -6.63 3.33
CA LEU A 143 15.62 -7.09 3.71
C LEU A 143 16.16 -8.10 2.71
N SER A 144 15.29 -8.94 2.14
CA SER A 144 15.72 -9.90 1.14
C SER A 144 16.29 -9.21 -0.08
N THR A 145 15.55 -8.24 -0.63
CA THR A 145 16.02 -7.49 -1.79
C THR A 145 17.13 -6.51 -1.45
N MET A 146 17.41 -6.31 -0.16
CA MET A 146 18.49 -5.40 0.24
C MET A 146 19.85 -6.08 0.19
N ILE A 147 19.94 -7.32 0.68
CA ILE A 147 21.22 -8.03 0.67
C ILE A 147 21.72 -8.20 -0.76
N SER A 148 20.81 -8.48 -1.69
CA SER A 148 21.20 -8.59 -3.08
C SER A 148 21.71 -7.27 -3.63
N SER A 149 21.15 -6.15 -3.17
CA SER A 149 21.64 -4.85 -3.63
C SER A 149 23.06 -4.60 -3.16
N PHE A 150 23.41 -5.02 -1.95
CA PHE A 150 24.76 -4.82 -1.45
C PHE A 150 25.76 -5.64 -2.27
N LEU A 151 25.44 -6.91 -2.52
CA LEU A 151 26.30 -7.74 -3.36
C LEU A 151 26.42 -7.16 -4.77
N LEU A 152 25.29 -6.76 -5.35
CA LEU A 152 25.32 -6.15 -6.68
C LEU A 152 26.05 -4.83 -6.66
N LEU A 153 25.98 -4.08 -5.54
CA LEU A 153 26.73 -2.84 -5.43
C LEU A 153 28.22 -3.08 -5.49
N MET A 154 28.71 -4.06 -4.71
CA MET A 154 30.13 -4.38 -4.73
C MET A 154 30.55 -4.95 -6.07
N SER A 155 29.72 -5.80 -6.67
CA SER A 155 29.98 -6.24 -8.04
C SER A 155 30.02 -5.06 -9.00
N GLU A 156 29.14 -4.09 -8.78
CA GLU A 156 29.04 -2.97 -9.71
C GLU A 156 30.22 -2.02 -9.58
N ILE A 157 30.54 -1.61 -8.35
CA ILE A 157 31.70 -0.74 -8.16
C ILE A 157 32.97 -1.44 -8.61
N PHE A 158 32.98 -2.78 -8.58
CA PHE A 158 34.12 -3.52 -9.10
C PHE A 158 34.20 -3.41 -10.61
N VAL A 159 33.07 -3.56 -11.31
CA VAL A 159 33.11 -3.51 -12.76
C VAL A 159 33.40 -2.09 -13.24
N VAL A 160 33.05 -1.07 -12.45
CA VAL A 160 33.46 0.28 -12.78
C VAL A 160 34.94 0.48 -12.48
N LEU A 161 35.49 -0.26 -11.53
CA LEU A 161 36.88 -0.08 -11.16
C LEU A 161 37.81 -0.62 -12.24
N LEU A 162 37.60 -1.85 -12.70
CA LEU A 162 38.50 -2.45 -13.68
C LEU A 162 38.16 -2.10 -15.12
N LEU A 163 36.93 -1.66 -15.40
CA LEU A 163 36.65 -1.13 -16.73
C LEU A 163 37.25 0.26 -16.91
N TYR A 164 37.19 1.08 -15.86
CA TYR A 164 37.90 2.35 -15.89
C TYR A 164 39.40 2.13 -15.97
N ALA A 165 39.90 1.09 -15.31
CA ALA A 165 41.31 0.76 -15.40
C ALA A 165 41.69 0.25 -16.78
N LEU A 166 40.78 -0.49 -17.44
CA LEU A 166 41.05 -0.95 -18.80
C LEU A 166 41.05 0.20 -19.78
N MET A 167 40.23 1.23 -19.54
CA MET A 167 40.24 2.41 -20.39
C MET A 167 41.53 3.19 -20.23
N LEU A 168 42.06 3.27 -18.99
CA LEU A 168 43.28 4.03 -18.75
C LEU A 168 44.47 3.44 -19.49
N LEU A 169 44.53 2.11 -19.59
CA LEU A 169 45.61 1.49 -20.35
C LEU A 169 45.57 1.89 -21.82
N ILE A 170 44.37 2.14 -22.34
CA ILE A 170 44.22 2.38 -23.76
C ILE A 170 44.59 3.82 -24.12
N ASN A 171 44.13 4.79 -23.32
CA ASN A 171 44.34 6.18 -23.63
C ASN A 171 44.64 6.96 -22.36
N TYR A 172 45.22 8.14 -22.55
CA TYR A 172 45.62 9.01 -21.45
C TYR A 172 44.75 10.27 -21.39
N LYS A 173 44.75 11.08 -22.44
CA LYS A 173 43.98 12.31 -22.43
C LYS A 173 42.47 12.06 -22.55
N ILE A 174 42.09 10.97 -23.22
CA ILE A 174 40.67 10.71 -23.45
C ILE A 174 39.99 10.26 -22.16
N THR A 175 40.58 9.28 -21.49
CA THR A 175 40.03 8.83 -20.22
C THR A 175 40.06 9.92 -19.16
N LEU A 176 41.06 10.80 -19.23
CA LEU A 176 41.13 11.92 -18.30
C LEU A 176 39.98 12.89 -18.54
N PHE A 177 39.73 13.23 -19.82
CA PHE A 177 38.60 14.09 -20.15
C PHE A 177 37.29 13.44 -19.74
N LEU A 178 37.15 12.13 -20.02
CA LEU A 178 35.91 11.44 -19.68
C LEU A 178 35.69 11.42 -18.17
N SER A 179 36.75 11.17 -17.39
CA SER A 179 36.61 11.16 -15.94
C SER A 179 36.24 12.54 -15.41
N ILE A 180 36.89 13.59 -15.91
CA ILE A 180 36.54 14.95 -15.51
C ILE A 180 35.10 15.26 -15.93
N PHE A 181 34.77 14.93 -17.18
CA PHE A 181 33.41 15.17 -17.66
C PHE A 181 32.39 14.33 -16.87
N MET A 182 32.78 13.15 -16.42
CA MET A 182 31.88 12.31 -15.65
C MET A 182 31.65 12.87 -14.26
N VAL A 183 32.74 13.15 -13.53
CA VAL A 183 32.61 13.73 -12.19
C VAL A 183 32.09 15.15 -12.23
N LEU A 184 32.06 15.79 -13.40
CA LEU A 184 31.33 17.05 -13.53
C LEU A 184 29.84 16.80 -13.72
N ASN A 185 29.48 15.72 -14.41
CA ASN A 185 28.08 15.32 -14.50
C ASN A 185 27.64 14.43 -13.34
N ALA A 186 28.58 13.77 -12.67
CA ALA A 186 28.25 13.17 -11.37
C ALA A 186 27.92 14.25 -10.35
N PHE A 187 28.45 15.45 -10.55
CA PHE A 187 28.03 16.64 -9.84
C PHE A 187 26.85 17.26 -10.58
N ILE A 188 26.37 18.42 -10.10
CA ILE A 188 25.27 19.14 -10.70
C ILE A 188 24.00 18.30 -10.65
N LEU A 189 24.00 17.16 -11.34
CA LEU A 189 22.81 16.32 -11.38
C LEU A 189 22.51 15.69 -10.03
N VAL A 190 23.54 15.46 -9.20
CA VAL A 190 23.33 14.87 -7.88
C VAL A 190 23.09 15.93 -6.81
N LYS A 191 23.28 17.22 -7.12
CA LYS A 191 23.10 18.28 -6.15
C LYS A 191 22.19 19.41 -6.60
N ILE A 192 21.71 19.41 -7.85
CA ILE A 192 20.75 20.40 -8.32
C ILE A 192 19.43 19.74 -8.74
N LEU A 193 19.50 18.60 -9.41
CA LEU A 193 18.29 17.85 -9.75
C LEU A 193 17.83 16.96 -8.60
N SER A 194 18.77 16.32 -7.90
CA SER A 194 18.40 15.46 -6.78
C SER A 194 17.59 16.16 -5.71
N PRO A 195 17.87 17.42 -5.32
CA PRO A 195 16.96 18.09 -4.38
C PRO A 195 15.55 18.27 -4.91
N ILE A 196 15.40 18.72 -6.15
CA ILE A 196 14.07 18.93 -6.71
C ILE A 196 13.35 17.62 -6.99
N ILE A 197 14.09 16.51 -7.12
CA ILE A 197 13.46 15.20 -7.27
C ILE A 197 12.64 14.87 -6.04
N LYS A 198 13.16 15.20 -4.85
CA LYS A 198 12.44 14.94 -3.61
C LYS A 198 11.65 16.14 -3.13
N LYS A 199 12.07 17.36 -3.50
CA LYS A 199 11.28 18.54 -3.18
C LYS A 199 9.92 18.49 -3.86
N ALA A 200 9.83 17.83 -5.00
CA ALA A 200 8.57 17.57 -5.68
C ALA A 200 8.21 16.09 -5.67
N GLY A 201 8.97 15.26 -4.95
CA GLY A 201 8.72 13.83 -4.91
C GLY A 201 8.12 13.38 -3.59
N LEU A 202 8.62 13.92 -2.48
CA LEU A 202 7.95 13.72 -1.20
C LEU A 202 6.78 14.66 -1.03
N ARG A 203 6.72 15.74 -1.83
CA ARG A 203 5.48 16.50 -1.95
C ARG A 203 4.40 15.68 -2.63
N ARG A 204 4.79 14.71 -3.46
CA ARG A 204 3.82 13.78 -4.03
C ARG A 204 3.23 12.88 -2.97
N GLU A 205 4.08 12.33 -2.10
CA GLU A 205 3.58 11.54 -0.97
C GLU A 205 2.70 12.38 -0.06
N GLU A 206 2.98 13.68 0.02
CA GLU A 206 2.12 14.60 0.76
C GLU A 206 0.78 14.80 0.05
N ALA A 207 0.84 15.14 -1.25
CA ALA A 207 -0.39 15.45 -1.98
C ALA A 207 -1.25 14.21 -2.21
N MET A 208 -0.62 13.03 -2.32
CA MET A 208 -1.40 11.82 -2.56
C MET A 208 -2.28 11.48 -1.36
N LYS A 209 -1.73 11.59 -0.14
CA LYS A 209 -2.54 11.34 1.04
C LYS A 209 -3.57 12.44 1.25
N ASN A 210 -3.21 13.70 0.99
CA ASN A 210 -4.15 14.80 1.11
C ASN A 210 -5.24 14.76 0.04
N PHE A 211 -5.02 14.00 -1.05
CA PHE A 211 -6.04 13.82 -2.06
C PHE A 211 -6.89 12.58 -1.83
N PHE A 212 -6.31 11.51 -1.29
CA PHE A 212 -7.06 10.30 -1.04
C PHE A 212 -7.94 10.43 0.21
N GLU A 213 -7.44 11.12 1.24
CA GLU A 213 -8.15 11.15 2.52
C GLU A 213 -9.47 11.90 2.39
N ILE A 214 -9.48 13.01 1.65
CA ILE A 214 -10.73 13.74 1.46
C ILE A 214 -11.65 13.01 0.47
N LEU A 215 -11.09 12.13 -0.36
CA LEU A 215 -11.92 11.32 -1.24
C LEU A 215 -12.52 10.15 -0.50
N ASN A 216 -11.69 9.42 0.25
CA ASN A 216 -12.17 8.27 1.01
C ASN A 216 -13.10 8.68 2.14
N THR A 217 -13.02 9.92 2.61
CA THR A 217 -13.92 10.38 3.65
C THR A 217 -15.33 10.62 3.10
N ASN A 218 -15.43 11.07 1.85
CA ASN A 218 -16.75 11.33 1.26
C ASN A 218 -17.54 10.05 1.04
N LEU A 219 -16.85 8.93 0.80
CA LEU A 219 -17.55 7.68 0.55
C LEU A 219 -18.21 7.15 1.81
N ASN A 220 -17.60 7.35 2.97
CA ASN A 220 -18.20 6.93 4.23
C ASN A 220 -19.35 7.81 4.65
N ASN A 221 -19.38 9.07 4.19
CA ASN A 221 -20.48 9.98 4.44
C ASN A 221 -21.41 10.11 3.23
N PHE A 222 -21.45 9.07 2.38
CA PHE A 222 -22.34 9.09 1.23
C PHE A 222 -23.80 9.20 1.65
N LYS A 223 -24.15 8.62 2.80
CA LYS A 223 -25.50 8.80 3.34
C LYS A 223 -25.80 10.28 3.55
N PHE A 224 -24.92 10.97 4.29
CA PHE A 224 -25.10 12.41 4.53
C PHE A 224 -24.92 13.22 3.25
N ILE A 225 -24.23 12.68 2.26
CA ILE A 225 -24.12 13.37 0.97
C ILE A 225 -25.47 13.40 0.27
N LYS A 226 -26.21 12.28 0.33
CA LYS A 226 -27.56 12.26 -0.24
C LYS A 226 -28.49 13.20 0.52
N LEU A 227 -28.30 13.34 1.84
CA LEU A 227 -29.14 14.23 2.62
C LEU A 227 -28.85 15.69 2.29
N LYS A 228 -27.57 16.06 2.22
CA LYS A 228 -27.20 17.43 1.90
C LYS A 228 -27.67 17.83 0.51
N THR A 229 -27.69 16.88 -0.43
CA THR A 229 -28.11 17.08 -1.81
C THR A 229 -27.15 18.01 -2.58
N LYS A 230 -26.71 19.10 -1.95
CA LYS A 230 -25.76 20.00 -2.56
C LYS A 230 -24.35 19.38 -2.53
N GLU A 231 -23.78 19.16 -3.70
CA GLU A 231 -22.41 18.66 -3.81
C GLU A 231 -21.40 19.75 -4.13
N ASP A 232 -21.85 20.98 -4.40
CA ASP A 232 -20.92 22.06 -4.72
C ASP A 232 -19.96 22.32 -3.57
N GLY A 233 -20.43 22.19 -2.33
CA GLY A 233 -19.56 22.38 -1.19
C GLY A 233 -18.56 21.25 -1.03
N VAL A 234 -18.91 20.05 -1.50
CA VAL A 234 -17.96 18.94 -1.48
C VAL A 234 -16.99 19.04 -2.66
N LEU A 235 -17.47 19.51 -3.81
CA LEU A 235 -16.62 19.60 -5.00
C LEU A 235 -15.80 20.88 -5.06
N SER A 236 -16.19 21.93 -4.31
CA SER A 236 -15.32 23.10 -4.20
C SER A 236 -14.09 22.80 -3.34
N LEU A 237 -14.19 21.81 -2.45
CA LEU A 237 -13.02 21.31 -1.71
C LEU A 237 -12.33 20.16 -2.42
N PHE A 238 -12.97 19.57 -3.43
CA PHE A 238 -12.37 18.48 -4.20
C PHE A 238 -11.63 19.02 -5.43
N LYS A 239 -12.25 19.94 -6.18
CA LYS A 239 -11.60 20.51 -7.35
C LYS A 239 -10.39 21.35 -6.95
N ALA A 240 -10.49 22.11 -5.86
CA ALA A 240 -9.36 22.91 -5.42
C ALA A 240 -8.23 22.04 -4.88
N GLN A 241 -8.56 20.90 -4.30
CA GLN A 241 -7.52 19.97 -3.83
C GLN A 241 -6.96 19.14 -4.98
N SER A 242 -7.75 18.91 -6.03
CA SER A 242 -7.28 18.12 -7.16
C SER A 242 -6.45 18.96 -8.12
N GLU A 243 -6.83 20.23 -8.31
CA GLU A 243 -6.00 21.14 -9.09
C GLU A 243 -4.67 21.41 -8.41
N ALA A 244 -4.58 21.18 -7.10
CA ALA A 244 -3.31 21.23 -6.41
C ALA A 244 -2.55 19.92 -6.54
N PHE A 245 -3.25 18.79 -6.41
CA PHE A 245 -2.61 17.49 -6.60
C PHE A 245 -2.15 17.30 -8.04
N SER A 246 -2.79 17.98 -8.99
CA SER A 246 -2.42 17.84 -10.39
C SER A 246 -1.00 18.33 -10.64
N LYS A 247 -0.75 19.62 -10.37
CA LYS A 247 0.58 20.17 -10.57
C LYS A 247 1.61 19.51 -9.67
N ALA A 248 1.21 19.11 -8.46
CA ALA A 248 2.12 18.44 -7.55
C ALA A 248 2.60 17.09 -8.07
N ASN A 249 1.95 16.56 -9.12
CA ASN A 249 2.36 15.29 -9.72
C ASN A 249 3.05 15.47 -11.06
N ILE A 250 2.74 16.53 -11.81
CA ILE A 250 3.38 16.71 -13.11
C ILE A 250 4.84 17.10 -12.94
N THR A 251 5.19 17.79 -11.85
CA THR A 251 6.57 18.19 -11.63
C THR A 251 7.43 17.05 -11.11
N ASN A 252 6.82 16.03 -10.52
CA ASN A 252 7.59 14.87 -10.06
C ASN A 252 8.01 13.98 -11.22
N GLU A 253 7.06 13.63 -12.09
CA GLU A 253 7.38 12.82 -13.25
C GLU A 253 8.06 13.61 -14.37
N SER A 254 8.28 14.91 -14.17
CA SER A 254 9.10 15.71 -15.07
C SER A 254 10.54 15.79 -14.60
N VAL A 255 10.75 16.14 -13.33
CA VAL A 255 12.10 16.20 -12.79
C VAL A 255 12.72 14.82 -12.64
N ALA A 256 11.90 13.77 -12.57
CA ALA A 256 12.44 12.41 -12.60
C ALA A 256 12.82 11.97 -14.01
N ALA A 257 12.51 12.78 -15.02
CA ALA A 257 12.91 12.53 -16.39
C ALA A 257 13.92 13.55 -16.90
N VAL A 258 14.17 14.63 -16.17
CA VAL A 258 15.20 15.59 -16.57
C VAL A 258 16.57 14.94 -16.65
N PRO A 259 17.02 14.10 -15.68
CA PRO A 259 18.36 13.50 -15.79
C PRO A 259 18.62 12.77 -17.10
N ARG A 260 17.90 11.67 -17.35
CA ARG A 260 18.24 10.85 -18.52
C ARG A 260 18.08 11.61 -19.83
N ILE A 261 17.20 12.61 -19.86
CA ILE A 261 17.06 13.41 -21.08
C ILE A 261 18.27 14.32 -21.25
N TYR A 262 18.73 14.94 -20.17
CA TYR A 262 20.00 15.64 -20.21
C TYR A 262 21.16 14.66 -20.38
N LEU A 263 21.02 13.43 -19.87
CA LEU A 263 22.06 12.43 -20.01
C LEU A 263 22.24 12.01 -21.47
N GLU A 264 21.16 11.99 -22.25
CA GLU A 264 21.30 11.69 -23.67
C GLU A 264 22.22 12.70 -24.35
N GLY A 265 21.93 13.99 -24.19
CA GLY A 265 22.81 15.00 -24.73
C GLY A 265 24.25 14.84 -24.26
N ILE A 266 24.43 14.38 -23.02
CA ILE A 266 25.77 14.09 -22.51
C ILE A 266 26.38 12.94 -23.30
N GLY A 267 25.65 11.82 -23.41
CA GLY A 267 26.17 10.68 -24.13
C GLY A 267 26.50 10.97 -25.57
N PHE A 268 25.65 11.76 -26.24
CA PHE A 268 25.92 12.15 -27.62
C PHE A 268 27.21 12.97 -27.70
N CYS A 269 27.34 13.97 -26.83
CA CYS A 269 28.49 14.86 -26.91
C CYS A 269 29.78 14.18 -26.48
N VAL A 270 29.72 13.26 -25.50
CA VAL A 270 30.93 12.55 -25.11
C VAL A 270 31.33 11.46 -26.10
N LEU A 271 30.51 11.20 -27.12
CA LEU A 271 30.89 10.23 -28.13
C LEU A 271 31.63 10.91 -29.28
N VAL A 272 30.97 11.88 -29.94
CA VAL A 272 31.61 12.57 -31.05
C VAL A 272 32.86 13.31 -30.59
N PHE A 273 32.93 13.69 -29.30
CA PHE A 273 34.17 14.23 -28.78
C PHE A 273 35.28 13.20 -28.87
N ILE A 274 35.03 11.98 -28.38
CA ILE A 274 36.06 10.95 -28.33
C ILE A 274 36.67 10.74 -29.71
N VAL A 275 35.82 10.48 -30.71
CA VAL A 275 36.33 10.15 -32.03
C VAL A 275 36.94 11.36 -32.71
N VAL A 276 36.32 12.54 -32.55
CA VAL A 276 36.91 13.75 -33.12
C VAL A 276 38.24 14.07 -32.44
N PHE A 277 38.26 14.05 -31.10
CA PHE A 277 39.51 14.28 -30.38
C PHE A 277 40.57 13.25 -30.77
N LEU A 278 40.14 12.02 -31.03
CA LEU A 278 41.09 10.98 -31.42
C LEU A 278 41.37 10.99 -32.92
N VAL A 279 40.60 11.72 -33.72
CA VAL A 279 40.89 11.85 -35.14
C VAL A 279 41.64 13.13 -35.47
N LEU A 280 41.61 14.14 -34.59
CA LEU A 280 42.45 15.31 -34.77
C LEU A 280 43.89 15.01 -34.37
N LYS A 281 44.07 14.34 -33.23
CA LYS A 281 45.40 13.90 -32.81
C LYS A 281 45.95 12.91 -33.83
N ASN A 282 47.19 13.12 -34.23
CA ASN A 282 47.81 12.29 -35.27
C ASN A 282 48.46 11.05 -34.67
N GLU A 283 47.62 10.23 -34.04
CA GLU A 283 47.96 8.85 -33.73
C GLU A 283 47.22 7.89 -34.67
N SER A 284 46.68 8.43 -35.78
CA SER A 284 45.82 7.70 -36.70
C SER A 284 46.54 6.49 -37.28
N ASP A 285 46.57 5.40 -36.53
CA ASP A 285 47.14 4.15 -37.02
C ASP A 285 46.21 3.42 -37.97
N ILE A 286 45.15 4.09 -38.44
CA ILE A 286 44.12 3.53 -39.33
C ILE A 286 43.34 2.45 -38.60
N SER A 287 43.98 1.78 -37.65
CA SER A 287 43.39 0.65 -36.94
C SER A 287 43.83 0.60 -35.48
N GLY A 288 45.08 0.96 -35.21
CA GLY A 288 45.63 0.80 -33.87
C GLY A 288 44.85 1.56 -32.82
N ILE A 289 44.52 2.82 -33.11
CA ILE A 289 43.81 3.66 -32.16
C ILE A 289 42.34 3.85 -32.53
N LEU A 290 41.98 3.73 -33.81
CA LEU A 290 40.58 3.83 -34.20
C LEU A 290 39.79 2.59 -33.83
N SER A 291 40.47 1.50 -33.48
CA SER A 291 39.82 0.36 -32.85
C SER A 291 39.54 0.63 -31.39
N THR A 292 40.41 1.40 -30.73
CA THR A 292 40.21 1.74 -29.33
C THR A 292 38.92 2.53 -29.14
N ILE A 293 38.48 3.27 -30.17
CA ILE A 293 37.19 3.95 -30.11
C ILE A 293 36.08 2.95 -29.84
N SER A 294 36.17 1.76 -30.45
CA SER A 294 35.15 0.75 -30.21
C SER A 294 35.23 0.18 -28.81
N ILE A 295 36.43 0.14 -28.22
CA ILE A 295 36.52 -0.31 -26.82
C ILE A 295 35.85 0.71 -25.91
N PHE A 296 36.09 2.00 -26.15
CA PHE A 296 35.40 3.03 -25.38
C PHE A 296 33.90 2.95 -25.56
N VAL A 297 33.45 2.65 -26.77
CA VAL A 297 32.02 2.50 -27.01
C VAL A 297 31.46 1.34 -26.20
N LEU A 298 32.12 0.18 -26.26
CA LEU A 298 31.66 -0.96 -25.49
C LEU A 298 31.86 -0.75 -23.99
N ALA A 299 32.88 -0.01 -23.59
CA ALA A 299 33.10 0.26 -22.17
C ALA A 299 31.98 1.13 -21.62
N LEU A 300 31.68 2.26 -22.29
CA LEU A 300 30.62 3.13 -21.82
C LEU A 300 29.26 2.43 -21.91
N TYR A 301 28.99 1.73 -23.02
CA TYR A 301 27.73 1.02 -23.16
C TYR A 301 27.54 -0.01 -22.05
N ARG A 302 28.64 -0.56 -21.52
CA ARG A 302 28.59 -1.39 -20.33
C ARG A 302 28.61 -0.56 -19.05
N LEU A 303 28.93 0.73 -19.14
CA LEU A 303 29.01 1.58 -17.96
C LEU A 303 27.74 2.39 -17.71
N MET A 304 26.78 2.41 -18.66
CA MET A 304 25.53 3.12 -18.40
C MET A 304 24.65 2.35 -17.41
N PRO A 305 24.30 1.09 -17.65
CA PRO A 305 23.62 0.32 -16.58
C PRO A 305 24.51 0.10 -15.38
N SER A 306 25.83 0.21 -15.56
CA SER A 306 26.75 0.11 -14.43
C SER A 306 26.56 1.27 -13.46
N ALA A 307 26.39 2.48 -13.99
CA ALA A 307 26.15 3.64 -13.13
C ALA A 307 24.74 3.61 -12.54
N ASN A 308 23.79 3.00 -13.25
CA ASN A 308 22.41 2.97 -12.78
C ASN A 308 22.23 2.00 -11.62
N ARG A 309 22.86 0.82 -11.71
CA ARG A 309 22.70 -0.18 -10.67
C ARG A 309 23.43 0.17 -9.38
N ILE A 310 24.44 1.05 -9.46
CA ILE A 310 25.14 1.48 -8.25
C ILE A 310 24.23 2.35 -7.39
N ILE A 311 23.65 3.39 -8.00
CA ILE A 311 22.77 4.28 -7.26
C ILE A 311 21.48 3.56 -6.87
N THR A 312 21.03 2.61 -7.68
CA THR A 312 19.87 1.80 -7.31
C THR A 312 20.14 1.03 -6.02
N SER A 313 21.32 0.41 -5.92
CA SER A 313 21.66 -0.32 -4.70
C SER A 313 21.99 0.62 -3.55
N TYR A 314 22.47 1.83 -3.86
CA TYR A 314 22.71 2.82 -2.80
C TYR A 314 21.39 3.36 -2.26
N HIS A 315 20.41 3.60 -3.14
CA HIS A 315 19.08 3.94 -2.68
C HIS A 315 18.44 2.78 -1.91
N ASP A 316 18.74 1.54 -2.30
CA ASP A 316 18.26 0.39 -1.55
C ASP A 316 19.00 0.23 -0.22
N LEU A 317 20.19 0.82 -0.09
CA LEU A 317 20.96 0.76 1.14
C LEU A 317 20.69 1.95 2.06
N LEU A 318 19.74 2.81 1.71
CA LEU A 318 19.39 3.95 2.55
C LEU A 318 17.88 4.02 2.77
N TYR A 319 17.10 3.85 1.69
CA TYR A 319 15.65 3.80 1.82
C TYR A 319 15.23 2.65 2.73
N TYR A 320 15.85 1.48 2.55
CA TYR A 320 15.61 0.34 3.43
C TYR A 320 16.81 0.17 4.37
N HIS A 321 17.45 -1.00 4.34
CA HIS A 321 18.70 -1.25 5.06
C HIS A 321 18.58 -1.00 6.55
N SER A 322 18.90 0.22 6.99
CA SER A 322 18.95 0.53 8.41
C SER A 322 17.57 0.52 9.06
N SER A 323 16.50 0.59 8.26
CA SER A 323 15.14 0.54 8.80
C SER A 323 14.59 -0.88 8.90
N LEU A 324 15.32 -1.87 8.41
CA LEU A 324 14.90 -3.26 8.46
C LEU A 324 15.71 -4.10 9.43
N ASN A 325 17.05 -3.94 9.45
CA ASN A 325 17.89 -4.83 10.24
C ASN A 325 17.64 -4.64 11.73
N ILE A 326 17.46 -3.40 12.19
CA ILE A 326 17.22 -3.16 13.62
C ILE A 326 15.89 -3.78 14.04
N ILE A 327 14.86 -3.67 13.19
CA ILE A 327 13.54 -4.20 13.51
C ILE A 327 13.49 -5.68 13.14
N TYR A 328 14.46 -6.45 13.63
CA TYR A 328 14.40 -7.91 13.57
C TYR A 328 14.94 -8.47 14.88
N GLN A 329 16.00 -7.85 15.41
CA GLN A 329 16.36 -8.10 16.80
C GLN A 329 15.22 -7.71 17.73
N ASN A 330 14.36 -6.81 17.29
CA ASN A 330 13.13 -6.46 18.00
C ASN A 330 11.92 -7.18 17.46
N LEU A 331 12.10 -8.17 16.58
CA LEU A 331 11.00 -8.97 16.07
C LEU A 331 11.32 -10.46 16.14
N ARG A 332 12.60 -10.81 15.99
CA ARG A 332 13.03 -12.21 16.08
C ARG A 332 13.41 -12.62 17.50
N GLN A 333 14.16 -11.77 18.22
CA GLN A 333 14.49 -11.99 19.62
C GLN A 333 13.30 -11.80 20.54
N GLU A 334 12.06 -11.83 20.03
CA GLU A 334 10.86 -11.72 20.88
C GLU A 334 10.76 -12.89 21.85
N GLU A 335 10.19 -12.62 23.02
CA GLU A 335 10.08 -13.61 24.08
C GLU A 335 8.72 -14.30 24.03
N GLU A 336 8.67 -15.50 24.61
CA GLU A 336 7.49 -16.35 24.52
C GLU A 336 7.26 -17.02 25.87
N ASN A 337 6.11 -17.67 25.98
CA ASN A 337 5.68 -18.24 27.25
C ASN A 337 6.48 -19.48 27.62
N LEU A 338 6.50 -19.79 28.91
CA LEU A 338 7.28 -20.87 29.48
C LEU A 338 6.38 -21.81 30.29
N GLY A 339 7.00 -22.78 30.92
CA GLY A 339 6.30 -23.71 31.79
C GLY A 339 6.25 -25.12 31.22
N GLU A 340 6.25 -26.10 32.12
CA GLU A 340 6.19 -27.52 31.71
C GLU A 340 5.52 -28.29 32.84
N GLY A 341 4.24 -28.59 32.66
CA GLY A 341 3.48 -29.34 33.65
C GLY A 341 2.15 -29.78 33.08
N LYS A 342 1.39 -30.48 33.91
CA LYS A 342 0.08 -30.99 33.53
C LYS A 342 -0.98 -30.45 34.48
N LEU A 343 -2.24 -30.57 34.06
CA LEU A 343 -3.36 -30.06 34.84
C LEU A 343 -4.56 -30.97 34.62
N SER A 344 -5.44 -31.01 35.62
CA SER A 344 -6.64 -31.84 35.57
C SER A 344 -7.86 -31.01 35.91
N PHE A 345 -8.98 -31.34 35.27
CA PHE A 345 -10.24 -30.64 35.45
C PHE A 345 -11.32 -31.68 35.69
N ASN A 346 -11.99 -31.61 36.84
CA ASN A 346 -12.99 -32.61 37.19
C ASN A 346 -14.07 -32.08 38.15
N GLN A 347 -13.77 -30.98 38.86
CA GLN A 347 -14.73 -30.42 39.80
C GLN A 347 -15.23 -29.10 39.23
N GLU A 348 -14.76 -27.96 39.71
CA GLU A 348 -15.35 -26.67 39.38
C GLU A 348 -14.29 -25.72 38.84
N LEU A 349 -14.74 -24.73 38.08
CA LEU A 349 -13.89 -23.67 37.53
C LEU A 349 -14.21 -22.38 38.29
N LYS A 350 -13.69 -22.28 39.51
CA LYS A 350 -13.90 -21.09 40.32
C LYS A 350 -13.13 -19.91 39.72
N ILE A 351 -13.81 -18.78 39.56
CA ILE A 351 -13.20 -17.57 39.03
C ILE A 351 -12.71 -16.72 40.20
N CYS A 352 -13.64 -16.34 41.09
CA CYS A 352 -13.33 -15.68 42.34
C CYS A 352 -12.59 -14.36 42.18
N ASN A 353 -13.34 -13.26 42.11
CA ASN A 353 -12.79 -11.91 42.03
C ASN A 353 -11.80 -11.79 40.87
N LEU A 354 -12.32 -11.69 39.65
CA LEU A 354 -11.45 -11.63 38.47
C LEU A 354 -10.69 -10.32 38.43
N SER A 355 -11.36 -9.23 38.05
CA SER A 355 -10.77 -7.91 37.92
C SER A 355 -9.66 -7.91 36.87
N PHE A 356 -9.91 -7.30 35.71
CA PHE A 356 -8.99 -7.44 34.60
C PHE A 356 -9.03 -6.21 33.70
N GLY A 357 -7.87 -5.88 33.15
CA GLY A 357 -7.73 -4.87 32.13
C GLY A 357 -6.50 -5.17 31.30
N TYR A 358 -6.43 -4.54 30.12
CA TYR A 358 -5.32 -4.83 29.22
C TYR A 358 -4.05 -4.12 29.69
N GLU A 359 -3.12 -3.86 28.76
CA GLU A 359 -1.80 -3.35 29.12
C GLU A 359 -1.89 -2.01 29.83
N GLY A 360 -2.16 -0.95 29.08
CA GLY A 360 -2.31 0.37 29.67
C GLY A 360 -3.70 0.95 29.48
N LYS A 361 -4.70 0.32 30.09
CA LYS A 361 -6.09 0.75 29.96
C LYS A 361 -6.73 0.71 31.35
N LYS A 362 -8.05 0.87 31.40
CA LYS A 362 -8.79 0.79 32.64
C LYS A 362 -9.22 -0.65 32.91
N TYR A 363 -9.78 -0.87 34.09
CA TYR A 363 -10.24 -2.19 34.51
C TYR A 363 -11.73 -2.32 34.24
N LEU A 364 -12.09 -3.29 33.40
CA LEU A 364 -13.49 -3.49 33.02
C LEU A 364 -14.28 -4.25 34.09
N PHE A 365 -13.63 -4.75 35.13
CA PHE A 365 -14.35 -5.59 36.07
C PHE A 365 -14.35 -4.97 37.46
N LYS A 366 -13.22 -5.06 38.16
CA LYS A 366 -13.14 -4.73 39.59
C LYS A 366 -14.09 -5.64 40.36
N ASN A 367 -13.56 -6.80 40.80
CA ASN A 367 -14.31 -7.81 41.55
C ASN A 367 -15.40 -8.46 40.70
N LEU A 368 -15.08 -9.64 40.16
CA LEU A 368 -15.98 -10.41 39.31
C LEU A 368 -15.95 -11.85 39.78
N ASN A 369 -17.11 -12.36 40.23
CA ASN A 369 -17.16 -13.64 40.93
C ASN A 369 -18.13 -14.59 40.26
N LEU A 370 -17.67 -15.80 39.98
CA LEU A 370 -18.50 -16.90 39.50
C LEU A 370 -17.70 -18.19 39.62
N ASN A 371 -18.39 -19.32 39.42
CA ASN A 371 -17.76 -20.62 39.46
C ASN A 371 -18.50 -21.55 38.49
N ILE A 372 -17.75 -22.41 37.81
CA ILE A 372 -18.26 -23.22 36.71
C ILE A 372 -17.99 -24.68 37.03
N LYS A 373 -19.04 -25.42 37.40
CA LYS A 373 -18.92 -26.86 37.59
C LYS A 373 -18.85 -27.56 36.25
N LYS A 374 -18.24 -28.74 36.24
CA LYS A 374 -18.07 -29.51 35.02
C LYS A 374 -19.43 -29.90 34.44
N GLY A 375 -19.73 -29.43 33.24
CA GLY A 375 -21.00 -29.70 32.60
C GLY A 375 -22.10 -28.74 32.95
N GLU A 376 -21.78 -27.51 33.34
CA GLU A 376 -22.80 -26.55 33.77
C GLU A 376 -23.51 -25.91 32.58
N LYS A 377 -22.85 -25.81 31.43
CA LYS A 377 -23.41 -25.18 30.24
C LYS A 377 -23.84 -23.74 30.54
N ILE A 378 -22.83 -22.89 30.71
CA ILE A 378 -23.05 -21.51 31.11
C ILE A 378 -23.09 -20.61 29.88
N ALA A 379 -23.59 -19.40 30.08
CA ALA A 379 -23.64 -18.39 29.03
C ALA A 379 -23.21 -17.05 29.61
N PHE A 380 -22.86 -16.13 28.71
CA PHE A 380 -22.47 -14.77 29.08
C PHE A 380 -23.26 -13.78 28.25
N ILE A 381 -24.19 -13.08 28.89
CA ILE A 381 -25.03 -12.10 28.22
C ILE A 381 -24.47 -10.71 28.52
N GLY A 382 -24.11 -9.99 27.46
CA GLY A 382 -23.59 -8.65 27.59
C GLY A 382 -23.91 -7.79 26.39
N GLU A 383 -23.21 -6.69 26.22
CA GLU A 383 -23.40 -5.78 25.10
C GLU A 383 -22.28 -5.91 24.08
N SER A 384 -22.44 -5.21 22.96
CA SER A 384 -21.45 -5.24 21.89
C SER A 384 -20.30 -4.27 22.24
N GLY A 385 -19.49 -4.69 23.19
CA GLY A 385 -18.33 -3.92 23.59
C GLY A 385 -18.12 -3.85 25.09
N CYS A 386 -18.92 -4.59 25.85
CA CYS A 386 -18.78 -4.58 27.30
C CYS A 386 -17.56 -5.36 27.76
N GLY A 387 -17.39 -6.57 27.23
CA GLY A 387 -16.31 -7.44 27.67
C GLY A 387 -16.76 -8.89 27.69
N LYS A 388 -17.66 -9.23 26.78
CA LYS A 388 -18.24 -10.57 26.75
C LYS A 388 -17.21 -11.62 26.39
N SER A 389 -16.39 -11.36 25.38
CA SER A 389 -15.35 -12.29 24.99
C SER A 389 -14.11 -12.21 25.88
N THR A 390 -13.95 -11.11 26.62
CA THR A 390 -12.77 -10.95 27.46
C THR A 390 -12.80 -11.90 28.65
N LEU A 391 -13.93 -11.93 29.38
CA LEU A 391 -14.05 -12.80 30.54
C LEU A 391 -13.89 -14.26 30.16
N VAL A 392 -14.50 -14.66 29.04
CA VAL A 392 -14.42 -16.06 28.61
C VAL A 392 -12.99 -16.40 28.20
N ASP A 393 -12.31 -15.49 27.50
CA ASP A 393 -10.90 -15.70 27.20
C ASP A 393 -10.05 -15.68 28.46
N LEU A 394 -10.58 -15.16 29.58
CA LEU A 394 -9.89 -15.26 30.85
C LEU A 394 -10.14 -16.62 31.51
N ILE A 395 -11.38 -17.11 31.45
CA ILE A 395 -11.70 -18.41 32.03
C ILE A 395 -10.82 -19.50 31.42
N ILE A 396 -10.73 -19.52 30.09
CA ILE A 396 -9.89 -20.48 29.39
C ILE A 396 -8.43 -20.10 29.60
N GLY A 397 -7.51 -20.91 29.07
CA GLY A 397 -6.10 -20.72 29.38
C GLY A 397 -5.51 -19.43 28.87
N LEU A 398 -6.23 -18.73 28.00
CA LEU A 398 -5.73 -17.49 27.44
C LEU A 398 -5.81 -16.37 28.47
N LEU A 399 -5.16 -15.25 28.15
CA LEU A 399 -5.21 -14.03 28.93
C LEU A 399 -4.69 -14.22 30.36
N LYS A 400 -3.43 -13.90 30.59
CA LYS A 400 -2.90 -13.89 31.95
C LYS A 400 -3.56 -12.76 32.73
N PRO A 401 -4.30 -13.05 33.79
CA PRO A 401 -5.06 -12.01 34.49
C PRO A 401 -4.15 -11.15 35.37
N LYS A 402 -4.74 -10.04 35.82
CA LYS A 402 -4.08 -9.12 36.75
C LYS A 402 -4.26 -9.56 38.20
N GLU A 403 -5.49 -9.90 38.61
CA GLU A 403 -5.76 -10.27 39.99
C GLU A 403 -6.66 -11.49 40.10
N GLY A 404 -6.75 -12.29 39.03
CA GLY A 404 -7.72 -13.37 38.94
C GLY A 404 -7.06 -14.73 39.14
N GLN A 405 -7.75 -15.59 39.89
CA GLN A 405 -7.16 -16.88 40.23
C GLN A 405 -7.44 -17.92 39.16
N ILE A 406 -8.68 -17.95 38.66
CA ILE A 406 -9.13 -18.91 37.64
C ILE A 406 -8.87 -20.32 38.14
N LEU A 407 -9.43 -20.66 39.30
CA LEU A 407 -9.14 -21.95 39.92
C LEU A 407 -9.76 -23.09 39.14
N ILE A 408 -9.05 -24.22 39.09
CA ILE A 408 -9.49 -25.43 38.38
C ILE A 408 -9.26 -26.59 39.35
N ASP A 409 -10.34 -27.06 39.98
CA ASP A 409 -10.27 -28.07 41.04
C ASP A 409 -9.33 -27.63 42.17
N LYS A 410 -9.53 -26.40 42.63
CA LYS A 410 -8.72 -25.80 43.69
C LYS A 410 -7.23 -25.81 43.33
N GLN A 411 -6.93 -25.68 42.04
CA GLN A 411 -5.56 -25.62 41.54
C GLN A 411 -5.42 -24.42 40.62
N GLU A 412 -4.28 -23.74 40.72
CA GLU A 412 -4.07 -22.49 40.00
C GLU A 412 -3.71 -22.75 38.54
N LEU A 413 -4.18 -21.86 37.67
CA LEU A 413 -3.88 -21.90 36.25
C LEU A 413 -2.72 -20.95 35.98
N ASN A 414 -1.51 -21.51 35.84
CA ASN A 414 -0.33 -20.71 35.59
C ASN A 414 0.43 -21.19 34.36
N ALA A 415 1.63 -20.67 34.14
CA ALA A 415 2.35 -20.93 32.90
C ALA A 415 2.74 -22.40 32.75
N SER A 416 2.94 -23.11 33.87
CA SER A 416 3.34 -24.51 33.78
C SER A 416 2.23 -25.38 33.21
N ASN A 417 0.98 -25.07 33.55
CA ASN A 417 -0.16 -25.87 33.12
C ASN A 417 -1.09 -25.14 32.17
N ALA A 418 -0.82 -23.87 31.85
CA ALA A 418 -1.64 -23.17 30.86
C ALA A 418 -1.59 -23.88 29.52
N LYS A 419 -0.46 -24.48 29.18
CA LYS A 419 -0.37 -25.27 27.95
C LYS A 419 -1.34 -26.45 28.00
N ASN A 420 -1.28 -27.24 29.06
CA ASN A 420 -2.16 -28.41 29.16
C ASN A 420 -3.61 -28.00 29.25
N TYR A 421 -3.90 -26.91 29.96
CA TYR A 421 -5.29 -26.45 30.05
C TYR A 421 -5.77 -25.84 28.75
N ARG A 422 -4.86 -25.23 27.98
CA ARG A 422 -5.24 -24.78 26.65
C ARG A 422 -5.49 -25.96 25.72
N GLN A 423 -4.84 -27.10 25.98
CA GLN A 423 -5.02 -28.26 25.13
C GLN A 423 -6.44 -28.80 25.20
N LYS A 424 -7.12 -28.61 26.33
CA LYS A 424 -8.42 -29.22 26.57
C LYS A 424 -9.58 -28.25 26.37
N ILE A 425 -9.45 -27.32 25.42
CA ILE A 425 -10.51 -26.36 25.10
C ILE A 425 -10.57 -26.14 23.59
N GLY A 426 -11.79 -25.91 23.07
CA GLY A 426 -12.02 -25.70 21.64
C GLY A 426 -12.95 -24.53 21.36
N TYR A 427 -12.65 -23.76 20.31
CA TYR A 427 -13.21 -22.42 20.21
C TYR A 427 -14.49 -22.38 19.40
N ILE A 428 -14.49 -23.03 18.23
CA ILE A 428 -15.63 -23.11 17.32
C ILE A 428 -16.08 -21.70 16.94
N PRO A 429 -15.28 -20.92 16.21
CA PRO A 429 -15.75 -19.57 15.84
C PRO A 429 -16.84 -19.64 14.78
N GLN A 430 -17.88 -18.81 14.96
CA GLN A 430 -19.04 -18.85 14.07
C GLN A 430 -18.69 -18.33 12.67
N ASN A 431 -18.01 -17.19 12.60
CA ASN A 431 -17.50 -16.66 11.33
C ASN A 431 -16.12 -17.25 11.04
N ILE A 432 -16.08 -18.57 10.94
CA ILE A 432 -14.82 -19.29 10.85
C ILE A 432 -14.11 -18.93 9.55
N TYR A 433 -12.80 -18.74 9.65
CA TYR A 433 -11.96 -18.41 8.50
C TYR A 433 -11.32 -19.71 8.01
N LEU A 434 -11.84 -20.24 6.90
CA LEU A 434 -11.34 -21.48 6.34
C LEU A 434 -10.28 -21.19 5.28
N PHE A 435 -9.39 -22.15 5.09
CA PHE A 435 -8.35 -22.07 4.08
C PHE A 435 -8.67 -22.97 2.89
N ASN A 436 -8.29 -22.52 1.70
CA ASN A 436 -8.65 -23.19 0.45
C ASN A 436 -7.92 -24.53 0.37
N ASP A 437 -8.51 -25.53 1.01
CA ASP A 437 -7.97 -26.89 0.99
C ASP A 437 -9.11 -27.86 1.23
N SER A 438 -8.79 -29.15 1.25
CA SER A 438 -9.78 -30.18 1.50
C SER A 438 -10.44 -29.95 2.87
N ILE A 439 -11.74 -30.27 2.95
CA ILE A 439 -12.46 -30.08 4.20
C ILE A 439 -11.90 -30.98 5.29
N ALA A 440 -11.22 -32.07 4.91
CA ALA A 440 -10.55 -32.90 5.90
C ALA A 440 -9.41 -32.15 6.56
N LYS A 441 -8.55 -31.51 5.76
CA LYS A 441 -7.48 -30.69 6.32
C LYS A 441 -8.03 -29.54 7.15
N ASN A 442 -9.19 -29.01 6.78
CA ASN A 442 -9.82 -27.95 7.58
C ASN A 442 -10.20 -28.48 8.97
N ILE A 443 -10.76 -29.69 9.03
CA ILE A 443 -11.18 -30.24 10.31
C ILE A 443 -9.96 -30.65 11.13
N THR A 444 -8.97 -31.29 10.50
CA THR A 444 -7.75 -31.67 11.20
C THR A 444 -6.93 -30.47 11.64
N PHE A 445 -7.28 -29.26 11.18
CA PHE A 445 -6.49 -28.06 11.45
C PHE A 445 -5.05 -28.23 10.97
N GLY A 446 -4.90 -28.92 9.84
CA GLY A 446 -3.60 -29.17 9.26
C GLY A 446 -2.81 -30.30 9.89
N ASP A 447 -3.28 -30.87 11.01
CA ASP A 447 -2.55 -31.91 11.70
C ASP A 447 -2.64 -33.25 10.95
N ALA A 448 -2.16 -33.28 9.72
CA ALA A 448 -2.10 -34.49 8.89
C ALA A 448 -3.52 -35.07 8.76
N VAL A 449 -3.61 -36.38 8.57
CA VAL A 449 -4.89 -37.06 8.49
C VAL A 449 -5.11 -37.87 9.76
N ASP A 450 -6.29 -38.46 9.90
CA ASP A 450 -6.62 -39.29 11.06
C ASP A 450 -7.95 -39.99 10.86
N GLU A 451 -8.08 -40.77 9.79
CA GLU A 451 -9.38 -41.35 9.42
C GLU A 451 -10.08 -42.03 10.59
N GLU A 452 -9.31 -42.56 11.55
CA GLU A 452 -9.87 -43.17 12.74
C GLU A 452 -10.76 -42.19 13.48
N LYS A 453 -10.15 -41.21 14.15
CA LYS A 453 -10.93 -40.23 14.89
C LYS A 453 -11.65 -39.25 13.97
N LEU A 454 -11.07 -38.99 12.79
CA LEU A 454 -11.62 -37.95 11.92
C LEU A 454 -12.92 -38.38 11.26
N ASN A 455 -13.01 -39.63 10.82
CA ASN A 455 -14.27 -40.12 10.26
C ASN A 455 -15.41 -39.99 11.25
N LYS A 456 -15.12 -40.15 12.55
CA LYS A 456 -16.14 -39.97 13.57
C LYS A 456 -16.50 -38.51 13.76
N VAL A 457 -15.58 -37.60 13.44
CA VAL A 457 -15.86 -36.17 13.59
C VAL A 457 -16.92 -35.72 12.61
N ILE A 458 -16.80 -36.14 11.34
CA ILE A 458 -17.79 -35.78 10.34
C ILE A 458 -19.17 -36.28 10.74
N LYS A 459 -19.24 -37.49 11.29
CA LYS A 459 -20.51 -38.03 11.76
C LYS A 459 -21.06 -37.24 12.93
N GLN A 460 -20.18 -36.60 13.72
CA GLN A 460 -20.64 -35.78 14.84
C GLN A 460 -21.05 -34.39 14.36
N ALA A 461 -20.32 -33.82 13.40
CA ALA A 461 -20.61 -32.49 12.88
C ALA A 461 -21.67 -32.51 11.78
N ASN A 462 -22.44 -33.60 11.68
CA ASN A 462 -23.53 -33.76 10.72
C ASN A 462 -23.23 -33.22 9.34
N LEU A 463 -21.98 -33.32 8.91
CA LEU A 463 -21.61 -32.96 7.54
C LEU A 463 -21.81 -34.09 6.56
N GLU A 464 -22.14 -35.30 7.05
CA GLU A 464 -22.24 -36.47 6.18
C GLU A 464 -23.28 -36.26 5.07
N HIS A 465 -24.44 -35.69 5.42
CA HIS A 465 -25.44 -35.40 4.41
C HIS A 465 -25.04 -34.25 3.51
N PHE A 466 -24.02 -33.47 3.88
CA PHE A 466 -23.44 -32.46 3.01
C PHE A 466 -22.21 -32.97 2.25
N ILE A 467 -21.45 -33.89 2.84
CA ILE A 467 -20.33 -34.49 2.13
C ILE A 467 -20.82 -35.31 0.94
N LYS A 468 -22.00 -35.92 1.05
CA LYS A 468 -22.52 -36.74 -0.04
C LYS A 468 -22.70 -35.92 -1.31
N ASN A 469 -23.36 -34.76 -1.22
CA ASN A 469 -23.56 -33.93 -2.39
C ASN A 469 -22.28 -33.25 -2.85
N LEU A 470 -21.26 -33.19 -2.00
CA LEU A 470 -20.00 -32.58 -2.39
C LEU A 470 -19.32 -33.44 -3.46
N PRO A 471 -18.75 -32.82 -4.50
CA PRO A 471 -18.09 -33.59 -5.57
C PRO A 471 -16.91 -34.41 -5.08
N GLN A 472 -15.93 -33.77 -4.47
CA GLN A 472 -14.78 -34.48 -3.91
C GLN A 472 -15.03 -34.99 -2.49
N GLY A 473 -16.18 -34.67 -1.90
CA GLY A 473 -16.53 -35.19 -0.59
C GLY A 473 -15.67 -34.68 0.54
N VAL A 474 -15.02 -35.60 1.26
CA VAL A 474 -14.17 -35.21 2.38
C VAL A 474 -12.89 -34.54 1.91
N GLN A 475 -12.49 -34.76 0.65
CA GLN A 475 -11.31 -34.12 0.08
C GLN A 475 -11.68 -32.88 -0.73
N THR A 476 -12.89 -32.36 -0.56
CA THR A 476 -13.34 -31.22 -1.35
C THR A 476 -12.57 -29.98 -0.94
N LYS A 477 -11.84 -29.40 -1.89
CA LYS A 477 -11.24 -28.08 -1.67
C LYS A 477 -12.36 -27.09 -1.39
N VAL A 478 -12.42 -26.61 -0.13
CA VAL A 478 -13.57 -25.87 0.35
C VAL A 478 -13.79 -24.57 -0.43
N GLY A 479 -12.76 -24.04 -1.06
CA GLY A 479 -12.92 -22.85 -1.88
C GLY A 479 -12.86 -21.57 -1.09
N ASP A 480 -11.74 -21.37 -0.40
CA ASP A 480 -11.42 -20.17 0.40
C ASP A 480 -12.38 -20.14 1.61
N GLY A 481 -12.85 -18.97 2.03
CA GLY A 481 -13.72 -18.92 3.19
C GLY A 481 -15.02 -19.69 3.06
N GLY A 482 -15.83 -19.31 2.07
CA GLY A 482 -17.08 -20.01 1.82
C GLY A 482 -17.53 -19.93 0.38
N SER A 483 -17.12 -20.89 -0.44
CA SER A 483 -17.52 -20.92 -1.84
C SER A 483 -19.00 -21.30 -1.95
N ASN A 484 -19.28 -22.56 -2.25
CA ASN A 484 -20.65 -23.08 -2.28
C ASN A 484 -21.12 -23.54 -0.90
N LEU A 485 -20.44 -23.11 0.16
CA LEU A 485 -20.77 -23.51 1.52
C LEU A 485 -21.61 -22.42 2.17
N SER A 486 -22.86 -22.75 2.49
CA SER A 486 -23.72 -21.80 3.19
C SER A 486 -23.21 -21.56 4.61
N GLY A 487 -23.80 -20.56 5.26
CA GLY A 487 -23.36 -20.20 6.60
C GLY A 487 -23.44 -21.34 7.59
N GLY A 488 -24.50 -22.15 7.48
CA GLY A 488 -24.66 -23.27 8.40
C GLY A 488 -23.59 -24.33 8.22
N GLN A 489 -23.25 -24.66 6.96
CA GLN A 489 -22.21 -25.64 6.71
C GLN A 489 -20.85 -25.15 7.14
N LYS A 490 -20.61 -23.83 7.09
CA LYS A 490 -19.40 -23.28 7.67
C LYS A 490 -19.37 -23.49 9.18
N GLN A 491 -20.53 -23.40 9.82
CA GLN A 491 -20.60 -23.66 11.26
C GLN A 491 -20.30 -25.12 11.58
N ARG A 492 -20.78 -26.04 10.73
CA ARG A 492 -20.52 -27.46 10.97
C ARG A 492 -19.03 -27.75 10.98
N ILE A 493 -18.29 -27.15 10.05
CA ILE A 493 -16.84 -27.30 10.06
C ILE A 493 -16.23 -26.63 11.27
N ALA A 494 -16.78 -25.47 11.66
CA ALA A 494 -16.30 -24.80 12.86
C ALA A 494 -16.44 -25.70 14.08
N ILE A 495 -17.55 -26.41 14.19
CA ILE A 495 -17.71 -27.40 15.25
C ILE A 495 -16.75 -28.57 15.03
N ALA A 496 -16.67 -29.06 13.79
CA ALA A 496 -15.83 -30.21 13.49
C ALA A 496 -14.36 -29.91 13.76
N ARG A 497 -13.91 -28.70 13.43
CA ARG A 497 -12.50 -28.35 13.58
C ARG A 497 -12.07 -28.43 15.05
N ALA A 498 -12.91 -27.92 15.96
CA ALA A 498 -12.56 -27.99 17.37
C ALA A 498 -12.84 -29.36 17.96
N LEU A 499 -13.77 -30.11 17.36
CA LEU A 499 -14.06 -31.45 17.86
C LEU A 499 -12.90 -32.40 17.61
N TYR A 500 -12.10 -32.14 16.57
CA TYR A 500 -10.93 -32.97 16.31
C TYR A 500 -9.88 -32.85 17.41
N LEU A 501 -9.89 -31.75 18.17
CA LEU A 501 -8.92 -31.54 19.24
C LEU A 501 -9.19 -32.43 20.45
N GLU A 502 -10.37 -33.04 20.53
CA GLU A 502 -10.83 -33.77 21.72
C GLU A 502 -10.74 -32.85 22.93
N PRO A 503 -11.57 -31.79 22.99
CA PRO A 503 -11.46 -30.82 24.08
C PRO A 503 -12.30 -31.19 25.28
N GLU A 504 -12.39 -30.27 26.25
CA GLU A 504 -13.20 -30.52 27.44
C GLU A 504 -14.13 -29.34 27.69
N ILE A 505 -13.73 -28.15 27.27
CA ILE A 505 -14.54 -26.94 27.39
C ILE A 505 -14.72 -26.35 25.99
N LEU A 506 -15.95 -25.93 25.68
CA LEU A 506 -16.29 -25.43 24.36
C LEU A 506 -16.72 -23.98 24.45
N VAL A 507 -16.04 -23.10 23.72
CA VAL A 507 -16.42 -21.71 23.61
C VAL A 507 -17.27 -21.54 22.35
N LEU A 508 -18.01 -20.42 22.27
CA LEU A 508 -18.80 -20.10 21.08
C LEU A 508 -18.44 -18.72 20.55
N ASP A 509 -18.53 -17.69 21.41
CA ASP A 509 -18.10 -16.32 21.11
C ASP A 509 -18.92 -15.71 19.99
N GLN A 510 -20.13 -15.30 20.32
CA GLN A 510 -21.05 -14.62 19.40
C GLN A 510 -21.48 -15.56 18.27
N ALA A 511 -21.85 -16.79 18.63
CA ALA A 511 -22.21 -17.80 17.64
C ALA A 511 -23.57 -17.52 16.99
N THR A 512 -24.05 -16.28 17.07
CA THR A 512 -25.33 -15.90 16.47
C THR A 512 -25.23 -14.43 16.07
N SER A 513 -25.13 -14.16 14.77
CA SER A 513 -25.06 -12.78 14.29
C SER A 513 -25.36 -12.65 12.81
N ALA A 514 -24.95 -13.65 12.00
CA ALA A 514 -25.03 -13.55 10.54
C ALA A 514 -25.56 -14.85 9.94
N LEU A 515 -26.82 -15.17 10.26
CA LEU A 515 -27.56 -16.28 9.66
C LEU A 515 -28.99 -16.22 10.15
N ASP A 516 -29.95 -16.61 9.31
CA ASP A 516 -31.35 -16.60 9.71
C ASP A 516 -31.56 -17.50 10.92
N THR A 517 -32.66 -17.25 11.65
CA THR A 517 -32.94 -18.00 12.86
C THR A 517 -33.00 -19.50 12.58
N GLN A 518 -33.60 -19.89 11.47
CA GLN A 518 -33.74 -21.31 11.13
C GLN A 518 -32.37 -21.94 10.83
N SER A 519 -31.63 -21.38 9.88
CA SER A 519 -30.33 -21.93 9.51
C SER A 519 -29.35 -21.95 10.67
N GLU A 520 -29.67 -21.24 11.76
CA GLU A 520 -28.87 -21.28 12.99
C GLU A 520 -29.50 -22.12 14.09
N ALA A 521 -30.84 -22.10 14.20
CA ALA A 521 -31.49 -22.89 15.25
C ALA A 521 -31.19 -24.37 15.10
N LYS A 522 -31.20 -24.87 13.86
CA LYS A 522 -30.80 -26.25 13.62
C LYS A 522 -29.38 -26.50 14.09
N ILE A 523 -28.52 -25.49 14.06
CA ILE A 523 -27.16 -25.63 14.57
C ILE A 523 -27.13 -25.49 16.08
N MET A 524 -27.95 -24.58 16.63
CA MET A 524 -27.97 -24.37 18.08
C MET A 524 -28.52 -25.59 18.79
N ASP A 525 -29.57 -26.21 18.26
CA ASP A 525 -30.08 -27.44 18.83
C ASP A 525 -29.05 -28.57 18.73
N GLU A 526 -28.27 -28.58 17.64
CA GLU A 526 -27.19 -29.56 17.52
C GLU A 526 -26.13 -29.36 18.60
N ILE A 527 -25.94 -28.11 19.04
CA ILE A 527 -24.90 -27.82 20.02
C ILE A 527 -25.30 -28.29 21.41
N TYR A 528 -26.55 -28.03 21.81
CA TYR A 528 -26.97 -28.35 23.18
C TYR A 528 -27.02 -29.86 23.42
N LYS A 529 -27.21 -30.66 22.38
CA LYS A 529 -27.28 -32.10 22.56
C LYS A 529 -25.90 -32.74 22.59
N ILE A 530 -24.90 -32.11 21.96
CA ILE A 530 -23.58 -32.72 21.85
C ILE A 530 -22.69 -32.10 22.92
N SER A 531 -23.29 -31.33 23.81
CA SER A 531 -22.56 -30.69 24.90
C SER A 531 -22.90 -31.28 26.25
N LYS A 532 -23.57 -32.45 26.29
CA LYS A 532 -23.95 -33.02 27.58
C LYS A 532 -22.75 -33.59 28.32
N ASP A 533 -21.81 -34.19 27.60
CA ASP A 533 -20.66 -34.85 28.22
C ASP A 533 -19.49 -33.91 28.46
N LYS A 534 -19.65 -32.62 28.18
CA LYS A 534 -18.59 -31.63 28.39
C LYS A 534 -19.20 -30.37 28.99
N THR A 535 -18.36 -29.38 29.24
CA THR A 535 -18.78 -28.06 29.63
C THR A 535 -18.69 -27.11 28.45
N MET A 536 -19.39 -25.98 28.56
CA MET A 536 -19.47 -25.04 27.46
C MET A 536 -19.68 -23.64 27.99
N ILE A 537 -18.92 -22.68 27.44
CA ILE A 537 -19.08 -21.27 27.74
C ILE A 537 -19.59 -20.60 26.47
N ILE A 538 -20.80 -20.06 26.52
CA ILE A 538 -21.44 -19.43 25.38
C ILE A 538 -21.36 -17.92 25.55
N ILE A 539 -20.92 -17.23 24.50
CA ILE A 539 -20.88 -15.78 24.49
C ILE A 539 -21.97 -15.28 23.54
N ALA A 540 -23.22 -15.54 23.88
CA ALA A 540 -24.32 -15.19 22.98
C ALA A 540 -24.49 -13.68 22.90
N HIS A 541 -24.76 -13.19 21.69
CA HIS A 541 -25.01 -11.77 21.47
C HIS A 541 -26.49 -11.42 21.46
N ARG A 542 -27.38 -12.42 21.47
CA ARG A 542 -28.81 -12.18 21.49
C ARG A 542 -29.50 -13.24 22.36
N LEU A 543 -30.76 -12.96 22.68
CA LEU A 543 -31.49 -13.74 23.66
C LEU A 543 -32.24 -14.90 22.99
N SER A 544 -32.75 -15.81 23.84
CA SER A 544 -33.63 -16.91 23.47
C SER A 544 -32.81 -18.05 22.86
N THR A 545 -31.51 -17.85 22.65
CA THR A 545 -30.66 -18.94 22.19
C THR A 545 -30.15 -19.80 23.34
N ILE A 546 -30.32 -19.36 24.58
CA ILE A 546 -29.80 -20.07 25.73
C ILE A 546 -30.95 -20.62 26.57
N THR A 547 -31.88 -21.32 25.93
CA THR A 547 -33.03 -21.87 26.64
C THR A 547 -32.59 -22.96 27.62
N GLN A 548 -31.91 -23.98 27.11
CA GLN A 548 -31.49 -25.11 27.94
C GLN A 548 -30.19 -24.82 28.70
N CYS A 549 -29.69 -23.60 28.67
CA CYS A 549 -28.52 -23.24 29.46
C CYS A 549 -28.87 -23.22 30.95
N ASP A 550 -28.09 -23.96 31.74
CA ASP A 550 -28.36 -24.03 33.18
C ASP A 550 -27.88 -22.78 33.91
N LYS A 551 -26.84 -22.12 33.39
CA LYS A 551 -26.28 -20.93 34.00
C LYS A 551 -26.20 -19.80 32.97
N VAL A 552 -26.55 -18.59 33.40
CA VAL A 552 -26.44 -17.40 32.56
C VAL A 552 -25.88 -16.26 33.39
N TYR A 553 -24.57 -16.00 33.26
CA TYR A 553 -23.92 -14.92 33.98
C TYR A 553 -23.93 -13.65 33.14
N ARG A 554 -24.63 -12.62 33.61
CA ARG A 554 -24.72 -11.35 32.91
C ARG A 554 -23.72 -10.38 33.53
N LEU A 555 -22.73 -9.97 32.74
CA LEU A 555 -21.75 -8.98 33.19
C LEU A 555 -22.21 -7.60 32.73
N GLU A 556 -22.48 -6.72 33.70
CA GLU A 556 -22.93 -5.38 33.36
C GLU A 556 -21.73 -4.45 33.23
N HIS A 557 -21.60 -3.50 34.14
CA HIS A 557 -20.52 -2.52 34.07
C HIS A 557 -19.57 -2.68 35.26
N GLY A 558 -18.95 -3.85 35.37
CA GLY A 558 -17.97 -4.13 36.40
C GLY A 558 -18.38 -5.23 37.37
N LYS A 559 -19.68 -5.43 37.52
CA LYS A 559 -20.20 -6.45 38.43
C LYS A 559 -20.87 -7.55 37.61
N LEU A 560 -21.04 -8.71 38.25
CA LEU A 560 -21.61 -9.88 37.60
C LEU A 560 -22.92 -10.23 38.30
N LYS A 561 -24.03 -9.94 37.64
CA LYS A 561 -25.32 -10.46 38.06
C LYS A 561 -25.63 -11.75 37.32
N GLU A 562 -26.51 -12.55 37.91
CA GLU A 562 -26.86 -13.85 37.35
C GLU A 562 -28.30 -13.82 36.85
N GLU A 563 -28.55 -14.50 35.73
CA GLU A 563 -29.86 -14.52 35.11
C GLU A 563 -30.46 -15.91 35.31
N LYS A 564 -30.45 -16.77 34.30
CA LYS A 564 -31.04 -18.11 34.41
C LYS A 564 -30.06 -19.10 35.02
N MET B 1 -13.61 0.51 -31.90
CA MET B 1 -13.37 0.54 -30.47
C MET B 1 -12.79 1.90 -30.07
N VAL B 2 -12.28 2.63 -31.06
CA VAL B 2 -11.72 3.96 -30.82
C VAL B 2 -12.79 5.01 -30.55
N LYS B 3 -14.06 4.69 -30.85
CA LYS B 3 -15.13 5.66 -30.63
C LYS B 3 -15.36 5.93 -29.14
N LYS B 4 -15.01 4.98 -28.28
CA LYS B 4 -15.16 5.18 -26.84
C LYS B 4 -14.11 6.14 -26.26
N LEU B 5 -13.14 6.57 -27.07
CA LEU B 5 -12.08 7.42 -26.55
C LEU B 5 -12.50 8.89 -26.55
N PHE B 6 -12.96 9.40 -27.70
CA PHE B 6 -13.36 10.80 -27.81
C PHE B 6 -14.55 11.16 -26.93
N PHE B 7 -15.24 10.16 -26.36
CA PHE B 7 -16.43 10.44 -25.59
C PHE B 7 -16.12 11.13 -24.27
N ILE B 8 -14.92 10.95 -23.73
CA ILE B 8 -14.53 11.48 -22.43
C ILE B 8 -13.78 12.80 -22.56
N LEU B 9 -12.88 12.90 -23.54
CA LEU B 9 -12.02 14.07 -23.66
C LEU B 9 -12.78 15.26 -24.23
N SER B 10 -12.49 16.45 -23.72
CA SER B 10 -13.14 17.69 -24.12
C SER B 10 -12.15 18.58 -24.89
N LYS B 11 -12.54 19.82 -25.12
CA LYS B 11 -11.74 20.70 -25.97
C LYS B 11 -10.41 21.03 -25.33
N GLU B 12 -10.39 21.30 -24.02
CA GLU B 12 -9.13 21.46 -23.32
C GLU B 12 -8.34 20.16 -23.23
N ASP B 13 -9.01 19.03 -23.44
CA ASP B 13 -8.40 17.71 -23.42
C ASP B 13 -8.06 17.20 -24.82
N LYS B 14 -8.94 17.44 -25.80
CA LYS B 14 -8.70 16.91 -27.13
C LYS B 14 -7.60 17.68 -27.85
N ASN B 15 -7.66 19.01 -27.78
CA ASN B 15 -6.62 19.83 -28.42
C ASN B 15 -5.24 19.51 -27.85
N PHE B 16 -5.17 19.22 -26.56
CA PHE B 16 -3.90 18.83 -25.95
C PHE B 16 -3.42 17.48 -26.46
N LEU B 17 -4.36 16.59 -26.81
CA LEU B 17 -3.99 15.29 -27.36
C LEU B 17 -3.32 15.45 -28.73
N PHE B 18 -3.79 16.41 -29.53
CA PHE B 18 -3.21 16.63 -30.85
C PHE B 18 -1.82 17.26 -30.73
N PHE B 19 -1.64 18.16 -29.75
CA PHE B 19 -0.35 18.83 -29.59
C PHE B 19 0.77 17.82 -29.33
N LEU B 20 0.50 16.83 -28.47
CA LEU B 20 1.50 15.80 -28.20
C LEU B 20 1.74 14.93 -29.42
N LEU B 21 0.71 14.68 -30.24
CA LEU B 21 0.88 13.84 -31.41
C LEU B 21 1.81 14.48 -32.43
N VAL B 22 1.65 15.79 -32.66
CA VAL B 22 2.56 16.49 -33.57
C VAL B 22 3.95 16.61 -32.96
N PHE B 23 4.02 16.93 -31.66
CA PHE B 23 5.32 17.01 -31.00
C PHE B 23 6.02 15.65 -30.98
N SER B 24 5.24 14.57 -30.86
CA SER B 24 5.83 13.24 -30.94
C SER B 24 6.52 13.03 -32.28
N VAL B 25 5.93 13.54 -33.36
CA VAL B 25 6.55 13.45 -34.68
C VAL B 25 7.72 14.43 -34.78
N PHE B 26 7.53 15.65 -34.28
CA PHE B 26 8.58 16.66 -34.38
C PHE B 26 9.79 16.28 -33.54
N VAL B 27 9.56 15.78 -32.32
CA VAL B 27 10.67 15.33 -31.48
C VAL B 27 11.46 14.24 -32.19
N SER B 28 10.77 13.43 -33.02
CA SER B 28 11.47 12.41 -33.79
C SER B 28 12.37 13.03 -34.84
N PHE B 29 11.86 14.02 -35.59
CA PHE B 29 12.68 14.71 -36.56
C PHE B 29 13.84 15.45 -35.90
N ILE B 30 13.65 15.92 -34.66
CA ILE B 30 14.72 16.60 -33.96
C ILE B 30 15.85 15.63 -33.63
N GLU B 31 15.50 14.42 -33.15
CA GLU B 31 16.52 13.44 -32.83
C GLU B 31 17.29 13.01 -34.09
N THR B 32 16.57 12.79 -35.19
CA THR B 32 17.23 12.37 -36.42
C THR B 32 18.21 13.42 -36.91
N PHE B 33 17.77 14.68 -36.97
CA PHE B 33 18.66 15.74 -37.42
C PHE B 33 19.82 15.95 -36.46
N ALA B 34 19.59 15.70 -35.17
CA ALA B 34 20.68 15.79 -34.20
C ALA B 34 21.74 14.72 -34.45
N ILE B 35 21.30 13.53 -34.89
CA ILE B 35 22.24 12.48 -35.26
C ILE B 35 22.93 12.82 -36.57
N SER B 36 22.13 13.19 -37.59
CA SER B 36 22.67 13.47 -38.91
C SER B 36 23.66 14.63 -38.87
N LEU B 37 23.52 15.55 -37.92
CA LEU B 37 24.43 16.68 -37.83
C LEU B 37 25.82 16.28 -37.40
N VAL B 38 26.00 15.07 -36.87
CA VAL B 38 27.34 14.60 -36.55
C VAL B 38 28.11 14.29 -37.82
N MET B 39 27.46 13.66 -38.80
CA MET B 39 28.13 13.18 -40.01
C MET B 39 28.99 14.23 -40.70
N PRO B 40 28.49 15.45 -40.99
CA PRO B 40 29.36 16.44 -41.64
C PRO B 40 30.49 16.87 -40.73
N PHE B 41 30.15 17.26 -39.50
CA PHE B 41 31.16 17.75 -38.56
C PHE B 41 32.27 16.73 -38.36
N ILE B 42 31.91 15.46 -38.17
CA ILE B 42 32.93 14.44 -37.97
C ILE B 42 33.55 13.98 -39.28
N THR B 43 32.91 14.27 -40.43
CA THR B 43 33.58 14.07 -41.70
C THR B 43 34.73 15.05 -41.88
N LEU B 44 34.51 16.32 -41.51
CA LEU B 44 35.54 17.33 -41.68
C LEU B 44 36.70 17.11 -40.70
N ALA B 45 36.39 16.69 -39.46
CA ALA B 45 37.45 16.41 -38.51
C ALA B 45 38.26 15.20 -38.93
N SER B 46 37.60 14.16 -39.45
CA SER B 46 38.31 13.00 -39.95
C SER B 46 38.98 13.26 -41.29
N ASP B 47 38.56 14.31 -42.00
CA ASP B 47 39.21 14.69 -43.24
C ASP B 47 40.61 15.25 -43.04
N PHE B 48 41.01 15.49 -41.78
CA PHE B 48 42.34 16.00 -41.51
C PHE B 48 43.42 14.95 -41.74
N SER B 49 43.09 13.67 -41.56
CA SER B 49 44.06 12.60 -41.79
C SER B 49 44.45 12.52 -43.26
N TYR B 50 43.46 12.39 -44.15
CA TYR B 50 43.68 12.32 -45.59
C TYR B 50 44.06 13.67 -46.19
N PHE B 51 44.44 14.66 -45.38
CA PHE B 51 44.72 16.01 -45.85
C PHE B 51 43.52 16.55 -46.65
N ASP B 52 43.57 16.43 -47.96
CA ASP B 52 42.49 16.88 -48.83
C ASP B 52 42.04 15.73 -49.71
N ARG B 53 40.75 15.46 -49.74
CA ARG B 53 40.17 14.43 -50.59
C ARG B 53 38.96 14.94 -51.36
N ASN B 54 38.12 15.77 -50.74
CA ASN B 54 36.99 16.40 -51.40
C ASN B 54 36.94 17.86 -50.99
N LYS B 55 36.01 18.59 -51.59
CA LYS B 55 35.75 19.97 -51.18
C LYS B 55 35.00 19.94 -49.85
N TYR B 56 35.77 19.75 -48.77
CA TYR B 56 35.24 19.73 -47.42
C TYR B 56 35.98 20.66 -46.47
N LEU B 57 37.13 21.20 -46.84
CA LEU B 57 37.82 22.19 -46.04
C LEU B 57 38.54 23.21 -46.92
N ILE B 58 39.75 22.88 -47.37
CA ILE B 58 40.53 23.79 -48.20
C ILE B 58 39.76 24.22 -49.43
N SER B 59 38.90 23.33 -49.95
CA SER B 59 38.10 23.62 -51.14
C SER B 59 36.63 23.86 -50.81
N LEU B 60 36.29 24.10 -49.54
CA LEU B 60 34.91 24.30 -49.15
C LEU B 60 34.80 25.36 -48.06
N LYS B 61 35.72 25.34 -47.09
CA LYS B 61 35.73 26.34 -46.03
C LYS B 61 35.97 27.75 -46.55
N GLU B 62 36.66 27.91 -47.68
CA GLU B 62 36.94 29.21 -48.24
C GLU B 62 35.72 29.88 -48.89
N TYR B 63 34.51 29.51 -48.44
CA TYR B 63 33.29 30.07 -49.01
C TYR B 63 32.67 31.17 -48.16
N LEU B 64 33.06 31.31 -46.89
CA LEU B 64 32.52 32.35 -46.04
C LEU B 64 33.60 33.26 -45.47
N ASN B 65 34.58 32.70 -44.75
CA ASN B 65 35.64 33.44 -44.07
C ASN B 65 36.45 32.47 -43.21
N ILE B 66 37.36 33.00 -42.40
CA ILE B 66 38.06 32.32 -41.29
C ILE B 66 38.88 31.11 -41.76
N PRO B 67 39.78 30.57 -40.92
CA PRO B 67 40.57 29.40 -41.35
C PRO B 67 39.91 28.07 -40.99
N VAL B 68 40.68 26.98 -41.17
CA VAL B 68 40.11 25.63 -41.06
C VAL B 68 39.81 25.28 -39.61
N PHE B 69 40.80 25.45 -38.72
CA PHE B 69 40.61 25.10 -37.32
C PHE B 69 39.48 25.90 -36.68
N GLU B 70 39.16 27.08 -37.21
CA GLU B 70 38.08 27.88 -36.68
C GLU B 70 36.72 27.34 -37.11
N ILE B 71 36.61 26.87 -38.36
CA ILE B 71 35.34 26.33 -38.83
C ILE B 71 35.05 24.96 -38.25
N ILE B 72 36.08 24.22 -37.80
CA ILE B 72 35.84 22.93 -37.16
C ILE B 72 35.42 23.11 -35.71
N VAL B 73 35.86 24.19 -35.07
CA VAL B 73 35.41 24.50 -33.72
C VAL B 73 34.00 25.06 -33.75
N TYR B 74 33.75 26.02 -34.65
CA TYR B 74 32.42 26.60 -34.78
C TYR B 74 31.39 25.53 -35.12
N PHE B 75 31.74 24.60 -36.01
CA PHE B 75 30.89 23.44 -36.25
C PHE B 75 30.77 22.58 -35.00
N GLY B 76 31.81 22.57 -34.17
CA GLY B 76 31.76 21.81 -32.93
C GLY B 76 30.79 22.40 -31.93
N VAL B 77 30.92 23.70 -31.64
CA VAL B 77 29.96 24.33 -30.74
C VAL B 77 28.59 24.37 -31.40
N GLY B 78 28.54 24.44 -32.74
CA GLY B 78 27.27 24.30 -33.43
C GLY B 78 26.62 22.95 -33.20
N LEU B 79 27.44 21.92 -32.96
CA LEU B 79 26.90 20.63 -32.59
C LEU B 79 26.39 20.61 -31.16
N ILE B 80 27.04 21.38 -30.27
CA ILE B 80 26.69 21.30 -28.86
C ILE B 80 25.57 22.26 -28.46
N VAL B 81 25.24 23.25 -29.30
CA VAL B 81 24.01 23.98 -29.06
C VAL B 81 22.81 23.13 -29.45
N PHE B 82 22.89 22.48 -30.62
CA PHE B 82 21.79 21.64 -31.08
C PHE B 82 21.53 20.49 -30.11
N TYR B 83 22.57 20.00 -29.43
CA TYR B 83 22.38 18.90 -28.49
C TYR B 83 21.85 19.37 -27.14
N VAL B 84 22.28 20.56 -26.70
CA VAL B 84 21.68 21.14 -25.50
C VAL B 84 20.27 21.63 -25.80
N PHE B 85 20.04 22.12 -27.02
CA PHE B 85 18.69 22.46 -27.44
C PHE B 85 17.79 21.23 -27.43
N ARG B 86 18.26 20.13 -28.02
CA ARG B 86 17.50 18.89 -28.01
C ARG B 86 17.25 18.42 -26.59
N ALA B 87 18.29 18.44 -25.76
CA ALA B 87 18.15 18.01 -24.37
C ALA B 87 17.09 18.82 -23.64
N LEU B 88 16.84 20.05 -24.08
CA LEU B 88 15.76 20.84 -23.49
C LEU B 88 14.45 20.56 -24.20
N LEU B 89 14.47 20.46 -25.53
CA LEU B 89 13.24 20.21 -26.28
C LEU B 89 12.67 18.83 -25.99
N ASN B 90 13.53 17.81 -25.93
CA ASN B 90 13.07 16.47 -25.59
C ASN B 90 12.55 16.42 -24.16
N ALA B 91 13.14 17.22 -23.27
CA ALA B 91 12.65 17.28 -21.89
C ALA B 91 11.29 17.95 -21.82
N TYR B 92 11.08 18.99 -22.64
CA TYR B 92 9.79 19.66 -22.66
C TYR B 92 8.70 18.75 -23.23
N TYR B 93 9.05 17.91 -24.21
CA TYR B 93 8.09 16.95 -24.73
C TYR B 93 7.68 15.95 -23.65
N PHE B 94 8.66 15.39 -22.95
CA PHE B 94 8.37 14.50 -21.83
C PHE B 94 7.73 15.23 -20.66
N HIS B 95 7.66 16.56 -20.70
CA HIS B 95 6.88 17.31 -19.71
C HIS B 95 5.42 17.47 -20.16
N LEU B 96 5.19 17.72 -21.45
CA LEU B 96 3.82 17.78 -21.95
C LEU B 96 3.13 16.43 -21.84
N LEU B 97 3.89 15.34 -21.97
CA LEU B 97 3.32 14.02 -21.74
C LEU B 97 2.79 13.87 -20.33
N ALA B 98 3.56 14.35 -19.34
CA ALA B 98 3.11 14.28 -17.95
C ALA B 98 2.01 15.30 -17.68
N ARG B 99 2.08 16.48 -18.30
CA ARG B 99 1.07 17.50 -18.07
C ARG B 99 -0.28 17.07 -18.65
N PHE B 100 -0.26 16.38 -19.79
CA PHE B 100 -1.50 15.89 -20.38
C PHE B 100 -2.04 14.68 -19.63
N SER B 101 -1.17 13.72 -19.29
CA SER B 101 -1.63 12.52 -18.61
C SER B 101 -2.16 12.83 -17.22
N LYS B 102 -1.39 13.57 -16.43
CA LYS B 102 -1.82 13.90 -15.08
C LYS B 102 -2.88 14.99 -15.05
N GLY B 103 -3.00 15.79 -16.12
CA GLY B 103 -4.09 16.72 -16.22
C GLY B 103 -5.41 16.07 -16.56
N ARG B 104 -5.36 15.02 -17.39
CA ARG B 104 -6.55 14.22 -17.65
C ARG B 104 -6.89 13.33 -16.46
N LYS B 105 -5.89 12.94 -15.68
CA LYS B 105 -6.13 12.22 -14.44
C LYS B 105 -7.11 12.97 -13.55
N HIS B 106 -7.03 14.30 -13.55
CA HIS B 106 -7.95 15.17 -12.82
C HIS B 106 -9.22 15.45 -13.61
N ALA B 107 -9.08 15.85 -14.88
CA ALA B 107 -10.24 16.25 -15.67
C ALA B 107 -11.23 15.09 -15.84
N ILE B 108 -10.72 13.86 -15.96
CA ILE B 108 -11.60 12.71 -16.14
C ILE B 108 -12.18 12.25 -14.82
N ALA B 109 -11.33 12.06 -13.80
CA ALA B 109 -11.80 11.55 -12.52
C ALA B 109 -12.75 12.51 -11.82
N TYR B 110 -12.76 13.78 -12.21
CA TYR B 110 -13.66 14.75 -11.60
C TYR B 110 -15.13 14.43 -11.86
N LYS B 111 -15.42 13.69 -12.93
CA LYS B 111 -16.79 13.42 -13.33
C LYS B 111 -17.28 12.05 -12.89
N VAL B 112 -16.40 11.05 -12.81
CA VAL B 112 -16.83 9.72 -12.39
C VAL B 112 -17.22 9.73 -10.92
N PHE B 113 -16.52 10.52 -10.10
CA PHE B 113 -16.88 10.66 -8.70
C PHE B 113 -18.27 11.27 -8.55
N SER B 114 -18.62 12.19 -9.45
CA SER B 114 -19.98 12.73 -9.45
C SER B 114 -21.00 11.70 -9.90
N LYS B 115 -20.60 10.76 -10.76
CA LYS B 115 -21.54 9.75 -11.25
C LYS B 115 -21.91 8.77 -10.15
N PHE B 116 -20.91 8.27 -9.42
CA PHE B 116 -21.22 7.39 -8.29
C PHE B 116 -21.79 8.16 -7.10
N LEU B 117 -21.80 9.48 -7.14
CA LEU B 117 -22.47 10.26 -6.11
C LEU B 117 -23.96 10.45 -6.41
N ASN B 118 -24.33 10.43 -7.68
CA ASN B 118 -25.71 10.69 -8.09
C ASN B 118 -26.57 9.43 -8.18
N ILE B 119 -25.94 8.25 -8.25
CA ILE B 119 -26.72 7.02 -8.30
C ILE B 119 -27.54 6.88 -7.02
N ASN B 120 -28.64 6.13 -7.13
CA ASN B 120 -29.47 5.87 -5.96
C ASN B 120 -28.66 5.17 -4.88
N TYR B 121 -29.03 5.40 -3.62
CA TYR B 121 -28.29 4.83 -2.49
C TYR B 121 -28.24 3.31 -2.58
N GLU B 122 -29.25 2.68 -3.18
CA GLU B 122 -29.23 1.24 -3.38
C GLU B 122 -28.12 0.85 -4.36
N LYS B 123 -27.96 1.61 -5.45
CA LYS B 123 -26.90 1.31 -6.41
C LYS B 123 -25.53 1.57 -5.81
N PHE B 124 -25.42 2.52 -4.89
CA PHE B 124 -24.18 2.70 -4.14
C PHE B 124 -24.02 1.64 -3.05
N THR B 125 -25.12 1.00 -2.64
CA THR B 125 -25.07 -0.01 -1.60
C THR B 125 -24.68 -1.38 -2.16
N GLN B 126 -25.21 -1.73 -3.34
CA GLN B 126 -24.97 -3.06 -3.90
C GLN B 126 -23.49 -3.31 -4.16
N LYS B 127 -22.74 -2.28 -4.54
CA LYS B 127 -21.30 -2.39 -4.75
C LYS B 127 -20.58 -1.80 -3.54
N ASN B 128 -19.61 -2.55 -3.01
CA ASN B 128 -18.88 -2.10 -1.83
C ASN B 128 -18.00 -0.90 -2.15
N GLN B 129 -17.49 -0.25 -1.10
CA GLN B 129 -16.70 0.95 -1.28
C GLN B 129 -15.29 0.65 -1.78
N SER B 130 -14.74 -0.50 -1.39
CA SER B 130 -13.43 -0.91 -1.90
C SER B 130 -13.45 -1.24 -3.39
N GLU B 131 -14.60 -1.08 -4.05
CA GLU B 131 -14.73 -1.22 -5.49
C GLU B 131 -15.06 0.09 -6.18
N ILE B 132 -15.93 0.90 -5.57
CA ILE B 132 -16.26 2.20 -6.14
C ILE B 132 -15.05 3.12 -6.10
N LEU B 133 -14.25 3.04 -5.03
CA LEU B 133 -13.05 3.85 -4.93
C LEU B 133 -12.12 3.60 -6.10
N LYS B 134 -11.90 2.32 -6.43
CA LYS B 134 -11.11 1.98 -7.61
C LYS B 134 -11.80 2.40 -8.90
N SER B 135 -13.13 2.54 -8.88
CA SER B 135 -13.88 2.95 -10.06
C SER B 135 -13.79 4.44 -10.33
N ILE B 136 -13.20 5.22 -9.43
CA ILE B 136 -13.17 6.68 -9.57
C ILE B 136 -11.75 7.20 -9.44
N THR B 137 -10.80 6.33 -9.11
CA THR B 137 -9.41 6.75 -9.02
C THR B 137 -8.40 5.72 -9.52
N GLY B 138 -8.76 4.44 -9.64
CA GLY B 138 -7.83 3.46 -10.15
C GLY B 138 -7.84 3.40 -11.67
N GLU B 139 -9.03 3.50 -12.26
CA GLU B 139 -9.16 3.44 -13.70
C GLU B 139 -8.53 4.67 -14.36
N VAL B 140 -8.53 5.81 -13.67
CA VAL B 140 -8.07 7.05 -14.30
C VAL B 140 -6.56 7.01 -14.50
N TYR B 141 -5.82 6.49 -13.52
CA TYR B 141 -4.38 6.39 -13.66
C TYR B 141 -4.00 5.48 -14.82
N ASN B 142 -4.76 4.42 -15.03
CA ASN B 142 -4.46 3.51 -16.13
C ASN B 142 -4.73 4.17 -17.48
N LEU B 143 -5.88 4.85 -17.61
CA LEU B 143 -6.20 5.51 -18.88
C LEU B 143 -5.23 6.65 -19.17
N SER B 144 -4.88 7.43 -18.15
CA SER B 144 -3.97 8.55 -18.36
C SER B 144 -2.62 8.07 -18.87
N THR B 145 -2.01 7.13 -18.16
CA THR B 145 -0.73 6.57 -18.60
C THR B 145 -0.87 5.77 -19.89
N MET B 146 -2.07 5.31 -20.22
CA MET B 146 -2.27 4.60 -21.49
C MET B 146 -2.23 5.56 -22.66
N ILE B 147 -2.93 6.70 -22.55
CA ILE B 147 -2.87 7.72 -23.59
C ILE B 147 -1.45 8.27 -23.70
N SER B 148 -0.78 8.47 -22.56
CA SER B 148 0.60 8.93 -22.58
C SER B 148 1.51 7.87 -23.20
N SER B 149 1.27 6.59 -22.89
CA SER B 149 2.01 5.53 -23.54
C SER B 149 1.71 5.47 -25.03
N PHE B 150 0.49 5.86 -25.42
CA PHE B 150 0.15 5.86 -26.85
C PHE B 150 0.87 6.98 -27.59
N LEU B 151 0.89 8.18 -27.00
CA LEU B 151 1.61 9.30 -27.62
C LEU B 151 3.11 9.04 -27.65
N LEU B 152 3.67 8.53 -26.55
CA LEU B 152 5.08 8.17 -26.52
C LEU B 152 5.39 7.05 -27.51
N LEU B 153 4.44 6.14 -27.72
CA LEU B 153 4.63 5.10 -28.73
C LEU B 153 4.73 5.70 -30.12
N MET B 154 3.89 6.69 -30.42
CA MET B 154 3.96 7.36 -31.72
C MET B 154 5.28 8.10 -31.89
N SER B 155 5.74 8.77 -30.84
CA SER B 155 7.06 9.40 -30.88
C SER B 155 8.14 8.37 -31.17
N GLU B 156 8.04 7.19 -30.55
CA GLU B 156 9.12 6.22 -30.67
C GLU B 156 9.12 5.53 -32.02
N ILE B 157 7.98 4.98 -32.44
CA ILE B 157 7.93 4.32 -33.74
C ILE B 157 8.32 5.30 -34.85
N PHE B 158 8.07 6.59 -34.64
CA PHE B 158 8.56 7.58 -35.59
C PHE B 158 10.07 7.71 -35.49
N VAL B 159 10.61 7.82 -34.27
CA VAL B 159 12.06 7.88 -34.09
C VAL B 159 12.73 6.68 -34.76
N VAL B 160 12.15 5.49 -34.59
CA VAL B 160 12.72 4.29 -35.18
C VAL B 160 12.70 4.37 -36.70
N LEU B 161 11.60 4.86 -37.27
CA LEU B 161 11.46 4.88 -38.73
C LEU B 161 12.48 5.80 -39.38
N LEU B 162 12.41 7.11 -39.07
CA LEU B 162 13.28 8.05 -39.75
C LEU B 162 14.76 7.89 -39.36
N LEU B 163 15.06 7.28 -38.22
CA LEU B 163 16.44 6.97 -37.92
C LEU B 163 16.94 5.78 -38.73
N TYR B 164 16.08 4.77 -38.93
CA TYR B 164 16.42 3.70 -39.85
C TYR B 164 16.56 4.24 -41.27
N ALA B 165 15.74 5.23 -41.62
CA ALA B 165 15.90 5.89 -42.92
C ALA B 165 17.23 6.60 -43.02
N LEU B 166 17.73 7.16 -41.91
CA LEU B 166 19.04 7.79 -41.92
C LEU B 166 20.16 6.75 -42.05
N MET B 167 19.97 5.57 -41.45
CA MET B 167 20.96 4.50 -41.59
C MET B 167 20.99 3.98 -43.02
N LEU B 168 19.81 3.72 -43.60
CA LEU B 168 19.74 3.26 -44.97
C LEU B 168 20.31 4.28 -45.94
N LEU B 169 20.24 5.56 -45.59
CA LEU B 169 20.84 6.63 -46.38
C LEU B 169 22.37 6.58 -46.38
N ILE B 170 22.97 5.65 -45.64
CA ILE B 170 24.42 5.62 -45.50
C ILE B 170 24.99 4.32 -46.05
N ASN B 171 24.51 3.18 -45.57
CA ASN B 171 25.07 1.90 -45.96
C ASN B 171 23.97 0.94 -46.39
N TYR B 172 24.37 -0.12 -47.08
CA TYR B 172 23.45 -1.05 -47.72
C TYR B 172 23.51 -2.42 -47.06
N LYS B 173 24.64 -3.14 -47.22
CA LYS B 173 24.74 -4.48 -46.65
C LYS B 173 24.70 -4.47 -45.13
N ILE B 174 25.18 -3.39 -44.50
CA ILE B 174 25.18 -3.32 -43.05
C ILE B 174 23.77 -3.12 -42.51
N THR B 175 23.12 -2.04 -42.93
CA THR B 175 21.72 -1.81 -42.53
C THR B 175 20.84 -2.99 -42.90
N LEU B 176 21.21 -3.75 -43.92
CA LEU B 176 20.50 -4.98 -44.23
C LEU B 176 20.80 -6.04 -43.18
N PHE B 177 22.08 -6.35 -42.96
CA PHE B 177 22.45 -7.29 -41.91
C PHE B 177 21.98 -6.81 -40.55
N LEU B 178 21.96 -5.48 -40.33
CA LEU B 178 21.49 -4.96 -39.06
C LEU B 178 19.99 -5.17 -38.88
N SER B 179 19.21 -4.86 -39.93
CA SER B 179 17.77 -5.07 -39.84
C SER B 179 17.43 -6.54 -39.68
N ILE B 180 18.14 -7.41 -40.39
CA ILE B 180 17.90 -8.85 -40.25
C ILE B 180 18.25 -9.31 -38.84
N PHE B 181 19.41 -8.87 -38.33
CA PHE B 181 19.81 -9.26 -36.99
C PHE B 181 18.92 -8.63 -35.93
N MET B 182 18.33 -7.47 -36.22
CA MET B 182 17.45 -6.80 -35.26
C MET B 182 16.12 -7.55 -35.13
N VAL B 183 15.49 -7.87 -36.27
CA VAL B 183 14.22 -8.59 -36.24
C VAL B 183 14.40 -10.03 -35.82
N LEU B 184 15.60 -10.59 -35.98
CA LEU B 184 15.89 -11.90 -35.41
C LEU B 184 15.97 -11.84 -33.89
N ASN B 185 16.45 -10.72 -33.35
CA ASN B 185 16.46 -10.52 -31.91
C ASN B 185 15.09 -10.09 -31.39
N ALA B 186 14.29 -9.41 -32.22
CA ALA B 186 12.91 -9.15 -31.84
C ALA B 186 12.13 -10.44 -31.66
N PHE B 187 12.53 -11.50 -32.35
CA PHE B 187 12.00 -12.83 -32.15
C PHE B 187 12.69 -13.49 -30.95
N ILE B 188 12.32 -14.74 -30.66
CA ILE B 188 12.88 -15.52 -29.57
C ILE B 188 12.53 -14.88 -28.23
N LEU B 189 12.92 -13.62 -28.05
CA LEU B 189 12.62 -12.91 -26.82
C LEU B 189 11.13 -12.59 -26.71
N VAL B 190 10.44 -12.47 -27.84
CA VAL B 190 9.01 -12.17 -27.85
C VAL B 190 8.14 -13.39 -28.08
N LYS B 191 8.72 -14.50 -28.53
CA LYS B 191 7.97 -15.72 -28.82
C LYS B 191 8.43 -16.95 -28.05
N ILE B 192 9.67 -16.96 -27.55
CA ILE B 192 10.14 -18.05 -26.71
C ILE B 192 10.37 -17.62 -25.27
N LEU B 193 10.80 -16.38 -25.04
CA LEU B 193 10.99 -15.89 -23.68
C LEU B 193 9.76 -15.14 -23.16
N SER B 194 9.17 -14.28 -23.97
CA SER B 194 7.96 -13.57 -23.58
C SER B 194 6.83 -14.48 -23.12
N PRO B 195 6.60 -15.66 -23.71
CA PRO B 195 5.63 -16.58 -23.09
C PRO B 195 6.08 -17.09 -21.73
N ILE B 196 7.36 -17.48 -21.61
CA ILE B 196 7.87 -17.92 -20.32
C ILE B 196 7.94 -16.78 -19.31
N ILE B 197 7.95 -15.53 -19.80
CA ILE B 197 7.90 -14.38 -18.90
C ILE B 197 6.62 -14.42 -18.07
N LYS B 198 5.50 -14.80 -18.70
CA LYS B 198 4.24 -14.96 -17.99
C LYS B 198 3.98 -16.39 -17.55
N LYS B 199 4.57 -17.38 -18.23
CA LYS B 199 4.44 -18.77 -17.82
C LYS B 199 5.00 -18.97 -16.41
N ALA B 200 6.11 -18.29 -16.10
CA ALA B 200 6.65 -18.25 -14.76
C ALA B 200 6.36 -16.92 -14.06
N GLY B 201 5.59 -16.05 -14.69
CA GLY B 201 5.25 -14.76 -14.11
C GLY B 201 3.89 -14.75 -13.45
N LEU B 202 2.93 -15.46 -14.05
CA LEU B 202 1.63 -15.61 -13.42
C LEU B 202 1.61 -16.76 -12.43
N ARG B 203 2.55 -17.69 -12.54
CA ARG B 203 2.78 -18.65 -11.47
C ARG B 203 3.35 -17.99 -10.23
N ARG B 204 4.02 -16.85 -10.38
CA ARG B 204 4.43 -16.06 -9.22
C ARG B 204 3.24 -15.35 -8.61
N GLU B 205 2.31 -14.86 -9.46
CA GLU B 205 1.03 -14.36 -8.94
C GLU B 205 0.25 -15.47 -8.28
N GLU B 206 0.29 -16.67 -8.85
CA GLU B 206 -0.33 -17.83 -8.22
C GLU B 206 0.33 -18.14 -6.89
N ALA B 207 1.67 -18.04 -6.82
CA ALA B 207 2.38 -18.36 -5.59
C ALA B 207 2.20 -17.27 -4.55
N MET B 208 2.17 -16.01 -4.97
CA MET B 208 1.96 -14.91 -4.02
C MET B 208 0.56 -15.00 -3.41
N LYS B 209 -0.43 -15.39 -4.21
CA LYS B 209 -1.76 -15.64 -3.67
C LYS B 209 -1.75 -16.83 -2.71
N ASN B 210 -1.09 -17.92 -3.11
CA ASN B 210 -1.02 -19.11 -2.26
C ASN B 210 -0.27 -18.86 -0.97
N PHE B 211 0.58 -17.84 -0.92
CA PHE B 211 1.34 -17.53 0.29
C PHE B 211 0.64 -16.49 1.16
N PHE B 212 0.14 -15.42 0.55
CA PHE B 212 -0.56 -14.38 1.31
C PHE B 212 -1.84 -14.93 1.91
N GLU B 213 -2.53 -15.81 1.18
CA GLU B 213 -3.85 -16.29 1.62
C GLU B 213 -3.72 -17.18 2.85
N ILE B 214 -2.79 -18.12 2.84
CA ILE B 214 -2.63 -19.00 4.00
C ILE B 214 -1.94 -18.27 5.14
N LEU B 215 -1.24 -17.16 4.86
CA LEU B 215 -0.64 -16.38 5.93
C LEU B 215 -1.69 -15.56 6.67
N ASN B 216 -2.59 -14.91 5.91
CA ASN B 216 -3.69 -14.17 6.54
C ASN B 216 -4.65 -15.13 7.26
N THR B 217 -4.89 -16.30 6.69
CA THR B 217 -5.77 -17.27 7.34
C THR B 217 -5.15 -17.83 8.61
N ASN B 218 -3.84 -18.04 8.60
CA ASN B 218 -3.18 -18.61 9.78
C ASN B 218 -3.24 -17.66 10.96
N LEU B 219 -3.17 -16.35 10.70
CA LEU B 219 -3.18 -15.37 11.79
C LEU B 219 -4.56 -15.26 12.44
N ASN B 220 -5.62 -15.66 11.74
CA ASN B 220 -6.97 -15.52 12.29
C ASN B 220 -7.28 -16.59 13.34
N ASN B 221 -6.77 -17.80 13.15
CA ASN B 221 -6.96 -18.88 14.10
C ASN B 221 -5.94 -18.87 15.22
N PHE B 222 -5.31 -17.73 15.50
CA PHE B 222 -4.29 -17.65 16.52
C PHE B 222 -4.84 -18.05 17.88
N LYS B 223 -6.07 -17.66 18.19
CA LYS B 223 -6.73 -18.17 19.38
C LYS B 223 -6.84 -19.69 19.34
N PHE B 224 -7.34 -20.23 18.23
CA PHE B 224 -7.43 -21.67 18.09
C PHE B 224 -6.04 -22.32 18.03
N ILE B 225 -5.03 -21.57 17.59
CA ILE B 225 -3.67 -22.08 17.59
C ILE B 225 -3.14 -22.20 19.01
N LYS B 226 -3.41 -21.20 19.85
CA LYS B 226 -2.99 -21.29 21.25
C LYS B 226 -3.74 -22.39 21.99
N LEU B 227 -5.00 -22.65 21.62
CA LEU B 227 -5.71 -23.79 22.18
C LEU B 227 -5.09 -25.09 21.70
N LYS B 228 -4.81 -25.20 20.40
CA LYS B 228 -4.16 -26.39 19.89
C LYS B 228 -2.74 -26.54 20.43
N THR B 229 -2.08 -25.41 20.72
CA THR B 229 -0.70 -25.38 21.24
C THR B 229 0.29 -25.99 20.26
N LYS B 230 -0.07 -27.10 19.63
CA LYS B 230 0.74 -27.70 18.57
C LYS B 230 0.58 -26.88 17.29
N GLU B 231 1.67 -26.27 16.84
CA GLU B 231 1.68 -25.53 15.58
C GLU B 231 2.27 -26.35 14.43
N ASP B 232 2.53 -27.64 14.65
CA ASP B 232 3.21 -28.44 13.64
C ASP B 232 2.34 -28.62 12.40
N GLY B 233 1.07 -28.95 12.59
CA GLY B 233 0.13 -29.10 11.49
C GLY B 233 -0.09 -27.84 10.68
N VAL B 234 0.28 -26.69 11.22
CA VAL B 234 0.13 -25.40 10.55
C VAL B 234 1.43 -24.99 9.89
N LEU B 235 2.58 -25.27 10.54
CA LEU B 235 3.87 -24.92 9.96
C LEU B 235 4.35 -25.93 8.94
N SER B 236 3.87 -27.18 8.99
CA SER B 236 4.15 -28.14 7.94
C SER B 236 3.41 -27.80 6.65
N LEU B 237 2.29 -27.08 6.74
CA LEU B 237 1.62 -26.57 5.56
C LEU B 237 2.12 -25.20 5.14
N PHE B 238 2.80 -24.48 6.04
CA PHE B 238 3.38 -23.18 5.72
C PHE B 238 4.76 -23.30 5.08
N LYS B 239 5.62 -24.18 5.60
CA LYS B 239 6.96 -24.32 5.02
C LYS B 239 6.91 -24.90 3.61
N ALA B 240 5.99 -25.82 3.35
CA ALA B 240 5.89 -26.41 2.02
C ALA B 240 5.23 -25.44 1.03
N GLN B 241 4.32 -24.60 1.50
CA GLN B 241 3.69 -23.62 0.63
C GLN B 241 4.59 -22.41 0.40
N SER B 242 5.39 -22.04 1.40
CA SER B 242 6.39 -20.98 1.20
C SER B 242 7.48 -21.44 0.24
N GLU B 243 7.98 -22.66 0.43
CA GLU B 243 8.92 -23.23 -0.53
C GLU B 243 8.28 -23.46 -1.89
N ALA B 244 6.96 -23.60 -1.95
CA ALA B 244 6.28 -23.59 -3.23
C ALA B 244 6.18 -22.17 -3.80
N PHE B 245 6.10 -21.17 -2.92
CA PHE B 245 6.12 -19.77 -3.35
C PHE B 245 7.52 -19.33 -3.76
N SER B 246 8.56 -19.93 -3.17
CA SER B 246 9.94 -19.50 -3.40
C SER B 246 10.37 -19.70 -4.84
N LYS B 247 10.45 -20.95 -5.30
CA LYS B 247 10.97 -21.22 -6.64
C LYS B 247 10.01 -20.73 -7.71
N ALA B 248 8.71 -20.71 -7.44
CA ALA B 248 7.77 -20.10 -8.38
C ALA B 248 8.00 -18.61 -8.52
N ASN B 249 8.75 -18.00 -7.60
CA ASN B 249 9.11 -16.59 -7.68
C ASN B 249 10.47 -16.38 -8.32
N ILE B 250 11.43 -17.30 -8.10
CA ILE B 250 12.76 -17.12 -8.67
C ILE B 250 12.75 -17.36 -10.17
N THR B 251 11.84 -18.20 -10.66
CA THR B 251 11.72 -18.41 -12.09
C THR B 251 11.18 -17.18 -12.81
N ASN B 252 10.42 -16.34 -12.11
CA ASN B 252 9.98 -15.08 -12.70
C ASN B 252 11.15 -14.10 -12.83
N GLU B 253 11.94 -13.94 -11.77
CA GLU B 253 13.07 -13.03 -11.79
C GLU B 253 14.24 -13.55 -12.61
N SER B 254 14.16 -14.79 -13.10
CA SER B 254 15.17 -15.31 -14.00
C SER B 254 14.81 -15.06 -15.45
N VAL B 255 13.59 -15.44 -15.86
CA VAL B 255 13.13 -15.22 -17.23
C VAL B 255 12.87 -13.76 -17.54
N ALA B 256 12.78 -12.90 -16.52
CA ALA B 256 12.68 -11.47 -16.73
C ALA B 256 14.03 -10.80 -16.94
N ALA B 257 15.13 -11.53 -16.70
CA ALA B 257 16.48 -11.02 -16.91
C ALA B 257 17.18 -11.62 -18.11
N VAL B 258 16.74 -12.78 -18.60
CA VAL B 258 17.35 -13.38 -19.78
C VAL B 258 17.27 -12.45 -20.99
N PRO B 259 16.14 -11.81 -21.32
CA PRO B 259 16.10 -10.99 -22.55
C PRO B 259 17.17 -9.91 -22.60
N ARG B 260 17.36 -9.14 -21.52
CA ARG B 260 18.31 -8.03 -21.57
C ARG B 260 19.76 -8.53 -21.55
N ILE B 261 20.04 -9.60 -20.80
CA ILE B 261 21.39 -10.14 -20.75
C ILE B 261 21.80 -10.66 -22.12
N TYR B 262 20.93 -11.48 -22.73
CA TYR B 262 21.17 -11.94 -24.10
C TYR B 262 21.28 -10.76 -25.06
N LEU B 263 20.46 -9.73 -24.85
CA LEU B 263 20.53 -8.53 -25.68
C LEU B 263 21.83 -7.78 -25.51
N GLU B 264 22.50 -7.93 -24.36
CA GLU B 264 23.78 -7.26 -24.16
C GLU B 264 24.89 -7.96 -24.95
N GLY B 265 25.00 -9.28 -24.81
CA GLY B 265 25.93 -10.02 -25.65
C GLY B 265 25.62 -9.87 -27.12
N ILE B 266 24.35 -9.73 -27.47
CA ILE B 266 23.98 -9.42 -28.85
C ILE B 266 24.46 -8.03 -29.22
N GLY B 267 24.07 -7.03 -28.43
CA GLY B 267 24.50 -5.67 -28.71
C GLY B 267 25.99 -5.53 -28.89
N PHE B 268 26.77 -6.26 -28.10
CA PHE B 268 28.21 -6.31 -28.29
C PHE B 268 28.54 -6.89 -29.66
N CYS B 269 27.91 -8.02 -30.01
CA CYS B 269 28.23 -8.70 -31.26
C CYS B 269 27.77 -7.91 -32.46
N VAL B 270 26.57 -7.32 -32.41
CA VAL B 270 26.15 -6.47 -33.51
C VAL B 270 26.92 -5.16 -33.55
N LEU B 271 27.61 -4.80 -32.46
CA LEU B 271 28.43 -3.60 -32.48
C LEU B 271 29.75 -3.85 -33.19
N VAL B 272 30.55 -4.80 -32.67
CA VAL B 272 31.84 -5.08 -33.28
C VAL B 272 31.69 -5.52 -34.73
N PHE B 273 30.52 -6.05 -35.10
CA PHE B 273 30.30 -6.46 -36.48
C PHE B 273 29.94 -5.30 -37.40
N ILE B 274 29.54 -4.14 -36.84
CA ILE B 274 29.44 -2.92 -37.63
C ILE B 274 30.82 -2.45 -38.07
N VAL B 275 31.87 -2.94 -37.44
CA VAL B 275 33.23 -2.55 -37.75
C VAL B 275 33.89 -3.51 -38.74
N VAL B 276 33.72 -4.81 -38.53
CA VAL B 276 34.42 -5.81 -39.35
C VAL B 276 33.97 -5.78 -40.80
N PHE B 277 32.86 -5.11 -41.11
CA PHE B 277 32.44 -4.99 -42.50
C PHE B 277 33.00 -3.75 -43.18
N LEU B 278 33.45 -2.74 -42.42
CA LEU B 278 33.95 -1.53 -43.05
C LEU B 278 35.42 -1.67 -43.43
N VAL B 279 36.23 -2.33 -42.60
CA VAL B 279 37.65 -2.41 -42.90
C VAL B 279 37.91 -3.44 -43.99
N LEU B 280 37.09 -4.50 -44.07
CA LEU B 280 37.32 -5.54 -45.06
C LEU B 280 36.91 -5.06 -46.45
N LYS B 281 35.64 -4.72 -46.62
CA LYS B 281 35.19 -4.15 -47.88
C LYS B 281 35.87 -2.80 -48.11
N ASN B 282 36.39 -2.60 -49.33
CA ASN B 282 37.25 -1.47 -49.63
C ASN B 282 36.45 -0.20 -49.95
N GLU B 283 35.58 0.17 -49.00
CA GLU B 283 35.01 1.51 -48.97
C GLU B 283 35.84 2.46 -48.11
N SER B 284 37.13 2.15 -47.95
CA SER B 284 38.02 2.85 -47.01
C SER B 284 38.06 4.35 -47.22
N ASP B 285 37.00 5.04 -46.81
CA ASP B 285 36.97 6.50 -46.78
C ASP B 285 37.31 6.91 -45.37
N ILE B 286 38.58 7.32 -45.17
CA ILE B 286 39.09 7.67 -43.85
C ILE B 286 38.22 8.71 -43.18
N SER B 287 37.50 9.51 -43.98
CA SER B 287 36.56 10.49 -43.47
C SER B 287 35.14 10.32 -44.00
N GLY B 288 34.96 9.79 -45.20
CA GLY B 288 33.61 9.66 -45.75
C GLY B 288 32.78 8.61 -45.04
N ILE B 289 33.38 7.46 -44.74
CA ILE B 289 32.67 6.37 -44.09
C ILE B 289 33.06 6.21 -42.63
N LEU B 290 34.29 6.56 -42.24
CA LEU B 290 34.65 6.55 -40.82
C LEU B 290 33.81 7.57 -40.04
N SER B 291 33.29 8.60 -40.72
CA SER B 291 32.30 9.46 -40.11
C SER B 291 30.99 8.72 -39.90
N THR B 292 30.57 7.91 -40.88
CA THR B 292 29.29 7.23 -40.79
C THR B 292 29.29 6.16 -39.71
N ILE B 293 30.46 5.60 -39.38
CA ILE B 293 30.51 4.57 -38.36
C ILE B 293 30.15 5.14 -37.00
N SER B 294 30.40 6.45 -36.79
CA SER B 294 29.95 7.10 -35.57
C SER B 294 28.45 7.36 -35.60
N ILE B 295 27.89 7.52 -36.80
CA ILE B 295 26.45 7.70 -36.92
C ILE B 295 25.71 6.43 -36.51
N PHE B 296 26.24 5.26 -36.91
CA PHE B 296 25.64 4.01 -36.47
C PHE B 296 25.73 3.86 -34.96
N VAL B 297 26.83 4.33 -34.37
CA VAL B 297 26.99 4.23 -32.91
C VAL B 297 25.93 5.08 -32.21
N LEU B 298 25.85 6.36 -32.57
CA LEU B 298 24.86 7.23 -31.95
C LEU B 298 23.43 6.76 -32.24
N ALA B 299 23.20 6.27 -33.46
CA ALA B 299 21.87 5.80 -33.81
C ALA B 299 21.45 4.63 -32.91
N LEU B 300 22.36 3.68 -32.70
CA LEU B 300 22.06 2.56 -31.81
C LEU B 300 21.88 3.03 -30.38
N TYR B 301 22.68 4.01 -29.95
CA TYR B 301 22.54 4.53 -28.59
C TYR B 301 21.18 5.18 -28.36
N ARG B 302 20.60 5.76 -29.41
CA ARG B 302 19.24 6.27 -29.36
C ARG B 302 18.20 5.22 -29.70
N LEU B 303 18.63 4.04 -30.16
CA LEU B 303 17.70 3.01 -30.62
C LEU B 303 17.42 1.94 -29.58
N MET B 304 18.30 1.74 -28.59
CA MET B 304 18.04 0.67 -27.62
C MET B 304 16.86 0.98 -26.71
N PRO B 305 16.74 2.17 -26.09
CA PRO B 305 15.48 2.48 -25.39
C PRO B 305 14.35 2.75 -26.35
N SER B 306 14.66 3.04 -27.61
CA SER B 306 13.62 3.21 -28.62
C SER B 306 12.82 1.93 -28.82
N ALA B 307 13.51 0.80 -28.93
CA ALA B 307 12.82 -0.48 -29.09
C ALA B 307 12.21 -0.97 -27.79
N ASN B 308 12.82 -0.63 -26.65
CA ASN B 308 12.29 -1.08 -25.36
C ASN B 308 10.95 -0.42 -25.06
N ARG B 309 10.82 0.89 -25.30
CA ARG B 309 9.60 1.58 -24.96
C ARG B 309 8.44 1.16 -25.84
N ILE B 310 8.71 0.68 -27.06
CA ILE B 310 7.64 0.23 -27.94
C ILE B 310 6.95 -0.99 -27.35
N ILE B 311 7.73 -1.98 -26.89
CA ILE B 311 7.14 -3.14 -26.24
C ILE B 311 6.49 -2.76 -24.92
N THR B 312 7.06 -1.78 -24.23
CA THR B 312 6.47 -1.33 -22.96
C THR B 312 5.08 -0.77 -23.16
N SER B 313 4.94 0.18 -24.10
CA SER B 313 3.63 0.71 -24.42
C SER B 313 2.76 -0.30 -25.16
N TYR B 314 3.37 -1.26 -25.85
CA TYR B 314 2.59 -2.34 -26.45
C TYR B 314 1.91 -3.18 -25.37
N HIS B 315 2.68 -3.60 -24.36
CA HIS B 315 2.09 -4.26 -23.20
C HIS B 315 1.14 -3.34 -22.47
N ASP B 316 1.43 -2.03 -22.45
CA ASP B 316 0.49 -1.08 -21.84
C ASP B 316 -0.78 -0.92 -22.67
N LEU B 317 -0.73 -1.20 -23.97
CA LEU B 317 -1.92 -1.18 -24.81
C LEU B 317 -2.61 -2.53 -24.87
N LEU B 318 -2.16 -3.51 -24.08
CA LEU B 318 -2.84 -4.78 -23.93
C LEU B 318 -3.20 -5.06 -22.48
N TYR B 319 -2.26 -4.83 -21.55
CA TYR B 319 -2.58 -4.93 -20.13
C TYR B 319 -3.66 -3.93 -19.74
N TYR B 320 -3.58 -2.72 -20.25
CA TYR B 320 -4.59 -1.68 -20.03
C TYR B 320 -5.44 -1.56 -21.30
N HIS B 321 -5.73 -0.35 -21.80
CA HIS B 321 -6.36 -0.12 -23.09
C HIS B 321 -7.78 -0.68 -23.16
N SER B 322 -7.95 -1.81 -23.84
CA SER B 322 -9.28 -2.32 -24.16
C SER B 322 -10.06 -2.75 -22.93
N SER B 323 -9.38 -2.99 -21.80
CA SER B 323 -10.06 -3.37 -20.57
C SER B 323 -10.44 -2.19 -19.69
N LEU B 324 -10.04 -0.98 -20.07
CA LEU B 324 -10.30 0.22 -19.28
C LEU B 324 -11.31 1.16 -19.91
N ASN B 325 -11.32 1.26 -21.24
CA ASN B 325 -12.19 2.23 -21.90
C ASN B 325 -13.65 1.79 -21.93
N ILE B 326 -13.91 0.48 -21.97
CA ILE B 326 -15.28 -0.01 -22.04
C ILE B 326 -16.00 0.21 -20.72
N ILE B 327 -15.38 -0.20 -19.60
CA ILE B 327 -15.99 -0.03 -18.28
C ILE B 327 -16.19 1.45 -17.98
N TYR B 328 -15.37 2.32 -18.56
CA TYR B 328 -15.44 3.74 -18.28
C TYR B 328 -16.81 4.30 -18.62
N GLN B 329 -17.23 4.17 -19.89
CA GLN B 329 -18.55 4.62 -20.30
C GLN B 329 -19.63 4.03 -19.41
N ASN B 330 -19.67 2.70 -19.30
CA ASN B 330 -20.69 2.02 -18.52
C ASN B 330 -20.80 2.58 -17.10
N LEU B 331 -19.66 2.91 -16.49
CA LEU B 331 -19.69 3.48 -15.14
C LEU B 331 -20.03 4.96 -15.14
N ARG B 332 -19.66 5.70 -16.19
CA ARG B 332 -19.98 7.13 -16.25
C ARG B 332 -21.25 7.43 -17.04
N GLN B 333 -21.65 6.57 -17.97
CA GLN B 333 -22.95 6.65 -18.61
C GLN B 333 -24.06 6.11 -17.70
N GLU B 334 -23.71 5.71 -16.48
CA GLU B 334 -24.68 5.15 -15.54
C GLU B 334 -25.81 6.14 -15.31
N GLU B 335 -26.97 5.60 -14.92
CA GLU B 335 -28.17 6.41 -14.71
C GLU B 335 -28.17 7.00 -13.31
N GLU B 336 -28.77 8.18 -13.20
CA GLU B 336 -28.84 8.92 -11.95
C GLU B 336 -30.29 9.35 -11.71
N ASN B 337 -30.59 9.62 -10.44
CA ASN B 337 -31.94 9.95 -10.04
C ASN B 337 -32.33 11.34 -10.53
N LEU B 338 -33.55 11.45 -11.03
CA LEU B 338 -34.09 12.71 -11.55
C LEU B 338 -35.48 12.91 -10.99
N GLY B 339 -35.66 14.00 -10.25
CA GLY B 339 -36.96 14.35 -9.70
C GLY B 339 -37.05 15.81 -9.32
N GLU B 340 -38.19 16.43 -9.61
CA GLU B 340 -38.44 17.82 -9.23
C GLU B 340 -39.80 17.91 -8.56
N GLY B 341 -39.83 18.43 -7.34
CA GLY B 341 -41.07 18.55 -6.59
C GLY B 341 -40.80 18.87 -5.14
N LYS B 342 -41.84 19.34 -4.45
CA LYS B 342 -41.74 19.71 -3.05
C LYS B 342 -42.80 18.95 -2.25
N LEU B 343 -42.62 18.96 -0.93
CA LEU B 343 -43.53 18.29 -0.01
C LEU B 343 -43.48 19.01 1.32
N SER B 344 -44.53 18.86 2.11
CA SER B 344 -44.66 19.51 3.40
C SER B 344 -45.00 18.48 4.47
N PHE B 345 -44.37 18.62 5.63
CA PHE B 345 -44.59 17.72 6.76
C PHE B 345 -45.03 18.54 7.96
N ASN B 346 -46.28 18.35 8.38
CA ASN B 346 -46.83 19.07 9.53
C ASN B 346 -47.55 18.11 10.46
N GLN B 347 -48.05 16.99 9.93
CA GLN B 347 -48.88 16.08 10.70
C GLN B 347 -48.07 14.82 11.00
N GLU B 348 -48.31 13.71 10.32
CA GLU B 348 -47.72 12.43 10.68
C GLU B 348 -47.02 11.81 9.49
N LEU B 349 -46.21 10.78 9.76
CA LEU B 349 -45.39 10.11 8.77
C LEU B 349 -45.89 8.67 8.62
N LYS B 350 -47.02 8.50 7.93
CA LYS B 350 -47.53 7.17 7.66
C LYS B 350 -46.54 6.39 6.80
N ILE B 351 -46.46 5.09 7.05
CA ILE B 351 -45.57 4.20 6.31
C ILE B 351 -46.33 3.37 5.29
N CYS B 352 -47.45 2.78 5.70
CA CYS B 352 -48.40 2.14 4.79
C CYS B 352 -47.81 0.98 4.01
N ASN B 353 -47.62 -0.17 4.68
CA ASN B 353 -47.34 -1.45 4.04
C ASN B 353 -46.06 -1.37 3.19
N LEU B 354 -44.93 -1.29 3.89
CA LEU B 354 -43.63 -1.19 3.22
C LEU B 354 -43.32 -2.44 2.42
N SER B 355 -42.98 -3.53 3.11
CA SER B 355 -42.54 -4.78 2.48
C SER B 355 -41.30 -4.56 1.65
N PHE B 356 -40.12 -4.81 2.22
CA PHE B 356 -38.89 -4.46 1.52
C PHE B 356 -37.77 -5.41 1.92
N GLY B 357 -36.85 -5.61 0.97
CA GLY B 357 -35.54 -6.14 1.23
C GLY B 357 -34.61 -5.53 0.21
N TYR B 358 -33.32 -5.83 0.33
CA TYR B 358 -32.37 -5.32 -0.64
C TYR B 358 -32.63 -5.97 -2.01
N GLU B 359 -31.76 -5.64 -2.98
CA GLU B 359 -31.90 -6.11 -4.35
C GLU B 359 -32.06 -7.62 -4.42
N GLY B 360 -31.00 -8.36 -4.14
CA GLY B 360 -31.03 -9.81 -4.14
C GLY B 360 -31.16 -10.45 -2.78
N LYS B 361 -31.51 -9.70 -1.75
CA LYS B 361 -31.63 -10.22 -0.40
C LYS B 361 -33.08 -10.47 -0.04
N LYS B 362 -33.28 -11.33 0.95
CA LYS B 362 -34.62 -11.68 1.40
C LYS B 362 -35.32 -10.49 2.04
N TYR B 363 -36.65 -10.56 2.09
CA TYR B 363 -37.46 -9.49 2.65
C TYR B 363 -37.37 -9.53 4.18
N LEU B 364 -36.75 -8.51 4.76
CA LEU B 364 -36.60 -8.39 6.20
C LEU B 364 -37.75 -7.61 6.83
N PHE B 365 -38.86 -7.44 6.11
CA PHE B 365 -39.99 -6.68 6.63
C PHE B 365 -41.32 -7.33 6.28
N LYS B 366 -41.83 -7.05 5.08
CA LYS B 366 -43.10 -7.56 4.59
C LYS B 366 -44.27 -7.01 5.41
N ASN B 367 -45.01 -6.06 4.82
CA ASN B 367 -46.17 -5.43 5.46
C ASN B 367 -45.77 -4.73 6.76
N LEU B 368 -44.73 -3.89 6.67
CA LEU B 368 -44.26 -3.12 7.80
C LEU B 368 -44.98 -1.78 7.83
N ASN B 369 -45.63 -1.46 8.94
CA ASN B 369 -46.47 -0.28 9.04
C ASN B 369 -46.23 0.45 10.36
N LEU B 370 -46.18 1.77 10.27
CA LEU B 370 -46.15 2.65 11.44
C LEU B 370 -46.42 4.07 10.95
N ASN B 371 -46.55 4.98 11.91
CA ASN B 371 -46.72 6.40 11.59
C ASN B 371 -46.03 7.23 12.66
N ILE B 372 -45.51 8.39 12.25
CA ILE B 372 -44.69 9.24 13.10
C ILE B 372 -45.23 10.66 13.01
N LYS B 373 -45.90 11.12 14.07
CA LYS B 373 -46.31 12.51 14.14
C LYS B 373 -45.11 13.40 14.46
N LYS B 374 -45.27 14.69 14.19
CA LYS B 374 -44.20 15.66 14.38
C LYS B 374 -43.78 15.79 15.83
N GLY B 375 -42.60 15.29 16.17
CA GLY B 375 -42.04 15.42 17.49
C GLY B 375 -42.22 14.23 18.41
N GLU B 376 -42.34 13.02 17.87
CA GLU B 376 -42.58 11.85 18.70
C GLU B 376 -41.32 11.34 19.37
N LYS B 377 -40.17 11.46 18.71
CA LYS B 377 -38.89 10.95 19.21
C LYS B 377 -38.98 9.44 19.46
N ILE B 378 -39.02 8.69 18.36
CA ILE B 378 -39.20 7.24 18.42
C ILE B 378 -37.84 6.56 18.43
N ALA B 379 -37.84 5.25 18.59
CA ALA B 379 -36.61 4.45 18.60
C ALA B 379 -36.83 3.18 17.79
N PHE B 380 -35.73 2.53 17.44
CA PHE B 380 -35.75 1.26 16.70
C PHE B 380 -34.80 0.28 17.39
N ILE B 381 -35.36 -0.57 18.25
CA ILE B 381 -34.59 -1.59 18.96
C ILE B 381 -34.54 -2.85 18.11
N GLY B 382 -33.35 -3.37 17.90
CA GLY B 382 -33.18 -4.55 17.05
C GLY B 382 -32.04 -5.45 17.45
N GLU B 383 -31.67 -6.36 16.54
CA GLU B 383 -30.69 -7.40 16.81
C GLU B 383 -29.45 -7.29 15.92
N SER B 384 -29.19 -6.08 15.43
CA SER B 384 -28.01 -5.77 14.62
C SER B 384 -28.01 -6.52 13.28
N GLY B 385 -28.06 -5.77 12.18
CA GLY B 385 -28.09 -6.41 10.88
C GLY B 385 -29.37 -7.15 10.55
N CYS B 386 -30.41 -7.04 11.38
CA CYS B 386 -31.70 -7.67 11.12
C CYS B 386 -32.58 -6.85 10.19
N GLY B 387 -32.74 -5.55 10.47
CA GLY B 387 -33.52 -4.69 9.61
C GLY B 387 -33.80 -3.32 10.18
N LYS B 388 -33.05 -2.91 11.20
CA LYS B 388 -33.25 -1.58 11.78
C LYS B 388 -32.71 -0.50 10.84
N SER B 389 -31.40 -0.52 10.58
CA SER B 389 -30.83 0.44 9.63
C SER B 389 -31.45 0.30 8.26
N THR B 390 -31.91 -0.91 7.90
CA THR B 390 -32.61 -1.10 6.64
C THR B 390 -33.96 -0.37 6.66
N LEU B 391 -34.71 -0.50 7.76
CA LEU B 391 -36.00 0.17 7.87
C LEU B 391 -35.81 1.69 7.90
N VAL B 392 -34.83 2.17 8.65
CA VAL B 392 -34.60 3.61 8.71
C VAL B 392 -34.07 4.12 7.37
N ASP B 393 -33.28 3.31 6.66
CA ASP B 393 -32.93 3.64 5.28
C ASP B 393 -34.18 3.75 4.41
N LEU B 394 -35.24 3.03 4.75
CA LEU B 394 -36.50 3.13 4.02
C LEU B 394 -37.28 4.37 4.43
N ILE B 395 -37.30 4.69 5.72
CA ILE B 395 -38.06 5.84 6.20
C ILE B 395 -37.56 7.12 5.56
N ILE B 396 -36.23 7.30 5.52
CA ILE B 396 -35.63 8.46 4.87
C ILE B 396 -35.80 8.32 3.37
N GLY B 397 -35.36 9.34 2.63
CA GLY B 397 -35.53 9.36 1.18
C GLY B 397 -34.82 8.26 0.43
N LEU B 398 -33.90 7.55 1.08
CA LEU B 398 -33.16 6.49 0.43
C LEU B 398 -34.02 5.25 0.27
N LEU B 399 -33.57 4.34 -0.61
CA LEU B 399 -34.20 3.05 -0.83
C LEU B 399 -35.67 3.16 -1.21
N LYS B 400 -35.95 3.19 -2.51
CA LYS B 400 -37.33 3.20 -2.97
C LYS B 400 -38.02 1.90 -2.55
N PRO B 401 -39.17 1.99 -1.89
CA PRO B 401 -39.81 0.77 -1.37
C PRO B 401 -40.37 -0.11 -2.49
N LYS B 402 -40.63 -1.37 -2.13
CA LYS B 402 -41.20 -2.32 -3.08
C LYS B 402 -42.71 -2.10 -3.23
N GLU B 403 -43.46 -2.37 -2.16
CA GLU B 403 -44.91 -2.19 -2.16
C GLU B 403 -45.35 -1.11 -1.18
N GLY B 404 -44.44 -0.25 -0.74
CA GLY B 404 -44.76 0.76 0.24
C GLY B 404 -45.15 2.09 -0.38
N GLN B 405 -45.78 2.93 0.44
CA GLN B 405 -46.12 4.29 0.07
C GLN B 405 -45.41 5.34 0.90
N ILE B 406 -45.30 5.13 2.22
CA ILE B 406 -44.67 6.06 3.13
C ILE B 406 -45.33 7.43 2.98
N LEU B 407 -46.51 7.58 3.56
CA LEU B 407 -47.27 8.82 3.40
C LEU B 407 -46.78 9.89 4.35
N ILE B 408 -46.76 11.13 3.87
CA ILE B 408 -46.43 12.31 4.67
C ILE B 408 -47.58 13.30 4.50
N ASP B 409 -48.37 13.48 5.56
CA ASP B 409 -49.59 14.28 5.50
C ASP B 409 -50.51 13.79 4.38
N LYS B 410 -50.75 12.47 4.40
CA LYS B 410 -51.57 11.79 3.39
C LYS B 410 -51.06 12.01 1.98
N GLN B 411 -49.73 12.09 1.83
CA GLN B 411 -49.10 12.29 0.54
C GLN B 411 -47.89 11.36 0.42
N GLU B 412 -47.79 10.67 -0.71
CA GLU B 412 -46.85 9.58 -0.87
C GLU B 412 -45.42 10.08 -1.03
N LEU B 413 -44.48 9.31 -0.47
CA LEU B 413 -43.05 9.57 -0.62
C LEU B 413 -42.56 8.86 -1.88
N ASN B 414 -42.37 9.61 -2.95
CA ASN B 414 -41.82 9.06 -4.18
C ASN B 414 -40.67 9.93 -4.69
N ALA B 415 -40.17 9.64 -5.89
CA ALA B 415 -38.98 10.31 -6.40
C ALA B 415 -39.20 11.81 -6.63
N SER B 416 -40.44 12.24 -6.83
CA SER B 416 -40.70 13.64 -7.13
C SER B 416 -40.37 14.52 -5.93
N ASN B 417 -40.78 14.11 -4.74
CA ASN B 417 -40.57 14.90 -3.53
C ASN B 417 -39.50 14.32 -2.62
N ALA B 418 -38.87 13.21 -3.00
CA ALA B 418 -37.80 12.64 -2.18
C ALA B 418 -36.58 13.57 -2.12
N LYS B 419 -36.40 14.40 -3.15
CA LYS B 419 -35.28 15.33 -3.17
C LYS B 419 -35.43 16.38 -2.06
N ASN B 420 -36.62 16.99 -1.96
CA ASN B 420 -36.85 17.97 -0.91
C ASN B 420 -36.98 17.30 0.45
N TYR B 421 -37.39 16.03 0.48
CA TYR B 421 -37.54 15.32 1.74
C TYR B 421 -36.19 14.95 2.35
N ARG B 422 -35.18 14.73 1.52
CA ARG B 422 -33.85 14.38 1.99
C ARG B 422 -33.13 15.56 2.66
N GLN B 423 -33.61 16.79 2.48
CA GLN B 423 -32.87 17.95 2.97
C GLN B 423 -32.97 18.12 4.48
N LYS B 424 -34.14 17.83 5.06
CA LYS B 424 -34.41 18.15 6.47
C LYS B 424 -34.06 17.01 7.42
N ILE B 425 -32.94 16.33 7.21
CA ILE B 425 -32.52 15.23 8.08
C ILE B 425 -31.01 15.26 8.23
N GLY B 426 -30.53 15.16 9.47
CA GLY B 426 -29.14 14.91 9.76
C GLY B 426 -28.89 13.42 10.00
N TYR B 427 -27.63 13.08 10.25
CA TYR B 427 -27.28 11.67 10.38
C TYR B 427 -26.53 11.32 11.67
N ILE B 428 -25.52 12.09 12.06
CA ILE B 428 -24.78 11.85 13.30
C ILE B 428 -24.40 10.38 13.42
N PRO B 429 -23.39 9.89 12.67
CA PRO B 429 -23.06 8.46 12.66
C PRO B 429 -22.01 8.05 13.69
N GLN B 430 -22.22 8.44 14.95
CA GLN B 430 -21.36 8.19 16.11
C GLN B 430 -19.88 7.95 15.78
N ASN B 431 -19.58 6.88 15.04
CA ASN B 431 -18.24 6.65 14.53
C ASN B 431 -18.04 7.44 13.24
N ILE B 432 -18.38 8.72 13.30
CA ILE B 432 -18.34 9.58 12.11
C ILE B 432 -16.92 9.70 11.61
N TYR B 433 -16.76 9.57 10.29
CA TYR B 433 -15.45 9.68 9.66
C TYR B 433 -15.29 11.10 9.15
N LEU B 434 -14.44 11.86 9.81
CA LEU B 434 -14.13 13.22 9.42
C LEU B 434 -12.91 13.25 8.50
N PHE B 435 -12.76 14.34 7.76
CA PHE B 435 -11.60 14.55 6.91
C PHE B 435 -10.66 15.56 7.57
N ASN B 436 -9.36 15.34 7.40
CA ASN B 436 -8.36 16.15 8.08
C ASN B 436 -8.41 17.60 7.62
N ASP B 437 -9.20 18.41 8.30
CA ASP B 437 -9.29 19.84 8.03
C ASP B 437 -9.86 20.52 9.27
N SER B 438 -10.21 21.80 9.15
CA SER B 438 -10.78 22.52 10.27
C SER B 438 -12.14 21.95 10.65
N ILE B 439 -12.46 21.99 11.94
CA ILE B 439 -13.74 21.47 12.40
C ILE B 439 -14.89 22.29 11.85
N ALA B 440 -14.63 23.55 11.51
CA ALA B 440 -15.68 24.39 10.93
C ALA B 440 -16.15 23.83 9.60
N LYS B 441 -15.20 23.45 8.73
CA LYS B 441 -15.56 22.82 7.48
C LYS B 441 -16.24 21.47 7.70
N ASN B 442 -15.82 20.75 8.74
CA ASN B 442 -16.44 19.46 9.03
C ASN B 442 -17.87 19.62 9.52
N ILE B 443 -18.20 20.75 10.15
CA ILE B 443 -19.58 21.00 10.56
C ILE B 443 -20.41 21.47 9.37
N THR B 444 -19.86 22.40 8.58
CA THR B 444 -20.55 22.87 7.38
C THR B 444 -20.51 21.85 6.25
N PHE B 445 -19.74 20.77 6.39
CA PHE B 445 -19.56 19.76 5.34
C PHE B 445 -19.02 20.38 4.06
N GLY B 446 -18.21 21.43 4.19
CA GLY B 446 -17.58 22.06 3.07
C GLY B 446 -18.42 23.07 2.33
N ASP B 447 -19.71 23.16 2.62
CA ASP B 447 -20.62 24.07 1.90
C ASP B 447 -20.40 25.51 2.38
N ALA B 448 -19.23 26.03 2.03
CA ALA B 448 -18.81 27.37 2.42
C ALA B 448 -18.94 27.54 3.94
N VAL B 449 -19.39 28.72 4.36
CA VAL B 449 -19.59 29.03 5.77
C VAL B 449 -20.84 29.90 5.91
N ASP B 450 -21.32 30.00 7.15
CA ASP B 450 -22.43 30.88 7.47
C ASP B 450 -22.30 31.57 8.83
N GLU B 451 -21.20 31.33 9.56
CA GLU B 451 -20.88 31.91 10.86
C GLU B 451 -22.10 32.12 11.77
N GLU B 452 -22.99 33.04 11.40
CA GLU B 452 -24.25 33.24 12.12
C GLU B 452 -25.05 31.95 12.26
N LYS B 453 -24.74 30.91 11.48
CA LYS B 453 -25.40 29.62 11.60
C LYS B 453 -24.51 28.56 12.25
N LEU B 454 -23.27 28.90 12.58
CA LEU B 454 -22.33 27.96 13.20
C LEU B 454 -22.22 28.14 14.71
N ASN B 455 -22.15 29.39 15.18
CA ASN B 455 -22.02 29.63 16.61
C ASN B 455 -23.25 29.14 17.37
N LYS B 456 -24.44 29.40 16.83
CA LYS B 456 -25.65 28.88 17.46
C LYS B 456 -25.65 27.36 17.49
N VAL B 457 -25.18 26.73 16.41
CA VAL B 457 -25.13 25.28 16.34
C VAL B 457 -24.14 24.73 17.36
N ILE B 458 -22.95 25.32 17.42
CA ILE B 458 -21.95 24.91 18.40
C ILE B 458 -22.47 25.09 19.81
N LYS B 459 -23.16 26.22 20.07
CA LYS B 459 -23.73 26.46 21.39
C LYS B 459 -24.80 25.43 21.72
N GLN B 460 -25.56 24.98 20.72
CA GLN B 460 -26.56 23.95 20.95
C GLN B 460 -25.92 22.57 21.09
N ALA B 461 -24.89 22.29 20.32
CA ALA B 461 -24.19 21.02 20.38
C ALA B 461 -23.17 20.95 21.51
N ASN B 462 -23.19 21.93 22.41
CA ASN B 462 -22.34 21.93 23.61
C ASN B 462 -20.86 21.87 23.27
N LEU B 463 -20.48 22.40 22.11
CA LEU B 463 -19.08 22.50 21.71
C LEU B 463 -18.45 23.83 22.10
N GLU B 464 -19.22 24.77 22.65
CA GLU B 464 -18.67 26.08 22.98
C GLU B 464 -17.59 25.96 24.03
N HIS B 465 -17.74 25.05 24.99
CA HIS B 465 -16.71 24.79 25.98
C HIS B 465 -15.51 24.05 25.40
N PHE B 466 -15.56 23.68 24.12
CA PHE B 466 -14.49 22.96 23.45
C PHE B 466 -13.70 23.81 22.48
N ILE B 467 -14.32 24.81 21.85
CA ILE B 467 -13.61 25.63 20.86
C ILE B 467 -12.62 26.54 21.54
N LYS B 468 -12.90 26.96 22.78
CA LYS B 468 -12.08 27.97 23.45
C LYS B 468 -10.64 27.49 23.60
N ASN B 469 -10.46 26.27 24.09
CA ASN B 469 -9.13 25.79 24.46
C ASN B 469 -8.31 25.30 23.26
N LEU B 470 -8.91 25.21 22.08
CA LEU B 470 -8.17 24.72 20.93
C LEU B 470 -7.14 25.75 20.47
N PRO B 471 -6.00 25.30 19.94
CA PRO B 471 -4.96 26.24 19.49
C PRO B 471 -5.44 27.18 18.40
N GLN B 472 -5.86 26.62 17.27
CA GLN B 472 -6.46 27.40 16.20
C GLN B 472 -7.96 27.56 16.34
N GLY B 473 -8.51 27.25 17.51
CA GLY B 473 -9.93 27.44 17.73
C GLY B 473 -10.75 26.56 16.83
N VAL B 474 -11.68 27.18 16.09
CA VAL B 474 -12.59 26.46 15.21
C VAL B 474 -11.83 26.08 13.96
N GLN B 475 -10.59 26.53 13.86
CA GLN B 475 -9.77 26.32 12.68
C GLN B 475 -8.72 25.24 12.87
N THR B 476 -8.71 24.56 14.01
CA THR B 476 -7.70 23.52 14.24
C THR B 476 -7.97 22.32 13.34
N LYS B 477 -6.89 21.69 12.86
CA LYS B 477 -7.02 20.56 11.95
C LYS B 477 -7.50 19.33 12.71
N VAL B 478 -8.63 18.77 12.28
CA VAL B 478 -9.29 17.70 13.00
C VAL B 478 -8.46 16.42 13.03
N GLY B 479 -7.59 16.21 12.05
CA GLY B 479 -6.74 15.03 12.05
C GLY B 479 -7.49 13.76 11.68
N ASP B 480 -7.56 13.47 10.39
CA ASP B 480 -8.29 12.30 9.88
C ASP B 480 -9.72 12.30 10.40
N GLY B 481 -10.23 11.14 10.78
CA GLY B 481 -11.55 11.06 11.36
C GLY B 481 -11.54 11.52 12.80
N GLY B 482 -10.88 10.75 13.65
CA GLY B 482 -10.75 11.11 15.05
C GLY B 482 -9.36 11.62 15.38
N SER B 483 -8.52 10.73 15.91
CA SER B 483 -7.14 11.05 16.29
C SER B 483 -7.12 12.24 17.23
N ASN B 484 -7.30 13.44 16.69
CA ASN B 484 -7.36 14.65 17.50
C ASN B 484 -8.72 14.86 18.14
N LEU B 485 -9.69 14.00 17.86
CA LEU B 485 -11.03 14.11 18.45
C LEU B 485 -11.45 12.73 18.93
N SER B 486 -11.65 12.60 20.25
CA SER B 486 -12.10 11.33 20.80
C SER B 486 -13.58 11.12 20.47
N GLY B 487 -14.02 9.87 20.69
CA GLY B 487 -15.33 9.40 20.28
C GLY B 487 -16.49 10.36 20.49
N GLY B 488 -16.61 10.90 21.71
CA GLY B 488 -17.70 11.80 22.00
C GLY B 488 -17.49 13.20 21.48
N GLN B 489 -16.23 13.61 21.34
CA GLN B 489 -15.95 14.86 20.63
C GLN B 489 -16.43 14.77 19.19
N LYS B 490 -16.17 13.64 18.54
CA LYS B 490 -16.73 13.39 17.21
C LYS B 490 -18.25 13.36 17.25
N GLN B 491 -18.83 12.89 18.35
CA GLN B 491 -20.28 12.93 18.52
C GLN B 491 -20.78 14.36 18.52
N ARG B 492 -20.19 15.21 19.35
CA ARG B 492 -20.59 16.62 19.39
C ARG B 492 -20.45 17.27 18.03
N ILE B 493 -19.37 16.96 17.31
CA ILE B 493 -19.18 17.51 15.98
C ILE B 493 -20.22 16.96 15.02
N ALA B 494 -20.51 15.65 15.11
CA ALA B 494 -21.55 15.07 14.26
C ALA B 494 -22.91 15.69 14.57
N ILE B 495 -23.20 15.93 15.84
CA ILE B 495 -24.42 16.65 16.20
C ILE B 495 -24.41 18.04 15.62
N ALA B 496 -23.27 18.74 15.72
CA ALA B 496 -23.17 20.08 15.16
C ALA B 496 -23.34 20.07 13.66
N ARG B 497 -22.73 19.09 12.98
CA ARG B 497 -22.89 19.00 11.52
C ARG B 497 -24.35 18.85 11.14
N ALA B 498 -25.09 17.99 11.86
CA ALA B 498 -26.50 17.80 11.55
C ALA B 498 -27.31 19.06 11.87
N LEU B 499 -27.05 19.67 13.04
CA LEU B 499 -27.77 20.88 13.42
C LEU B 499 -27.49 22.03 12.46
N TYR B 500 -26.33 22.02 11.80
CA TYR B 500 -26.00 23.09 10.86
C TYR B 500 -26.94 23.11 9.66
N LEU B 501 -27.49 21.95 9.29
CA LEU B 501 -28.47 21.89 8.22
C LEU B 501 -29.81 22.49 8.62
N GLU B 502 -29.99 22.84 9.90
CA GLU B 502 -31.28 23.29 10.43
C GLU B 502 -32.38 22.29 10.09
N PRO B 503 -32.29 21.05 10.57
CA PRO B 503 -33.25 20.02 10.15
C PRO B 503 -34.52 20.02 10.98
N GLU B 504 -35.46 19.17 10.60
CA GLU B 504 -36.65 18.92 11.40
C GLU B 504 -36.75 17.48 11.89
N ILE B 505 -35.96 16.56 11.31
CA ILE B 505 -35.89 15.17 11.74
C ILE B 505 -34.44 14.80 11.92
N LEU B 506 -34.11 14.15 13.04
CA LEU B 506 -32.76 13.73 13.36
C LEU B 506 -32.75 12.23 13.59
N VAL B 507 -31.77 11.56 12.99
CA VAL B 507 -31.65 10.10 13.05
C VAL B 507 -30.29 9.76 13.62
N LEU B 508 -30.22 8.74 14.46
CA LEU B 508 -29.01 8.51 15.24
C LEU B 508 -28.15 7.39 14.67
N ASP B 509 -28.78 6.26 14.31
CA ASP B 509 -28.13 5.10 13.72
C ASP B 509 -27.01 4.59 14.62
N GLN B 510 -27.44 3.94 15.71
CA GLN B 510 -26.55 3.28 16.67
C GLN B 510 -25.59 4.29 17.31
N ALA B 511 -26.13 5.46 17.67
CA ALA B 511 -25.32 6.58 18.13
C ALA B 511 -24.74 6.31 19.51
N THR B 512 -24.99 5.11 20.06
CA THR B 512 -24.44 4.68 21.35
C THR B 512 -23.88 3.28 21.18
N SER B 513 -22.61 3.19 20.77
CA SER B 513 -21.94 1.90 20.60
C SER B 513 -20.44 2.08 20.54
N ALA B 514 -19.98 3.31 20.36
CA ALA B 514 -18.56 3.64 20.24
C ALA B 514 -18.14 4.64 21.32
N LEU B 515 -18.61 4.44 22.54
CA LEU B 515 -18.30 5.32 23.65
C LEU B 515 -18.27 4.52 24.95
N ASP B 516 -17.76 5.15 26.00
CA ASP B 516 -17.78 4.55 27.31
C ASP B 516 -19.14 4.78 27.98
N THR B 517 -19.30 4.21 29.18
CA THR B 517 -20.58 4.30 29.87
C THR B 517 -20.91 5.73 30.29
N GLN B 518 -19.90 6.48 30.73
CA GLN B 518 -20.15 7.83 31.23
C GLN B 518 -20.50 8.80 30.11
N SER B 519 -19.94 8.60 28.92
CA SER B 519 -20.06 9.59 27.86
C SER B 519 -21.38 9.51 27.09
N GLU B 520 -22.12 8.42 27.24
CA GLU B 520 -23.33 8.23 26.44
C GLU B 520 -24.47 9.12 26.91
N ALA B 521 -24.89 8.94 28.17
CA ALA B 521 -26.12 9.58 28.65
C ALA B 521 -26.04 11.10 28.58
N LYS B 522 -24.86 11.67 28.81
CA LYS B 522 -24.73 13.13 28.75
C LYS B 522 -24.99 13.63 27.34
N ILE B 523 -24.39 12.97 26.35
CA ILE B 523 -24.65 13.34 24.95
C ILE B 523 -26.12 13.11 24.60
N MET B 524 -26.69 12.02 25.10
CA MET B 524 -28.10 11.72 24.81
C MET B 524 -29.01 12.83 25.34
N ASP B 525 -28.75 13.32 26.55
CA ASP B 525 -29.53 14.44 27.07
C ASP B 525 -29.22 15.72 26.30
N GLU B 526 -27.95 15.91 25.92
CA GLU B 526 -27.59 17.07 25.12
C GLU B 526 -28.24 17.06 23.75
N ILE B 527 -28.62 15.89 23.25
CA ILE B 527 -29.41 15.78 22.03
C ILE B 527 -30.89 15.95 22.31
N TYR B 528 -31.37 15.38 23.42
CA TYR B 528 -32.79 15.50 23.77
C TYR B 528 -33.21 16.95 23.94
N LYS B 529 -32.32 17.80 24.44
CA LYS B 529 -32.66 19.21 24.63
C LYS B 529 -32.80 19.94 23.29
N ILE B 530 -31.84 19.72 22.39
CA ILE B 530 -31.87 20.36 21.07
C ILE B 530 -32.81 19.68 20.11
N SER B 531 -33.43 18.57 20.50
CA SER B 531 -34.45 17.91 19.71
C SER B 531 -35.85 18.21 20.20
N LYS B 532 -35.99 19.05 21.24
CA LYS B 532 -37.32 19.40 21.73
C LYS B 532 -38.11 20.13 20.65
N ASP B 533 -37.44 20.94 19.83
CA ASP B 533 -38.06 21.65 18.73
C ASP B 533 -38.09 20.81 17.45
N LYS B 534 -37.70 19.54 17.52
CA LYS B 534 -37.54 18.70 16.34
C LYS B 534 -38.11 17.32 16.65
N THR B 535 -37.93 16.40 15.70
CA THR B 535 -38.29 14.99 15.86
C THR B 535 -37.01 14.17 15.95
N MET B 536 -37.16 12.86 16.15
CA MET B 536 -36.00 12.01 16.36
C MET B 536 -36.34 10.55 16.07
N ILE B 537 -35.41 9.86 15.41
CA ILE B 537 -35.46 8.40 15.24
C ILE B 537 -34.14 7.85 15.75
N ILE B 538 -34.22 6.84 16.60
CA ILE B 538 -33.03 6.28 17.24
C ILE B 538 -32.92 4.82 16.85
N ILE B 539 -31.71 4.40 16.45
CA ILE B 539 -31.44 2.99 16.19
C ILE B 539 -30.56 2.45 17.30
N ALA B 540 -31.09 2.39 18.52
CA ALA B 540 -30.32 1.93 19.65
C ALA B 540 -30.16 0.41 19.60
N HIS B 541 -28.93 -0.06 19.81
CA HIS B 541 -28.66 -1.49 19.93
C HIS B 541 -28.90 -2.00 21.35
N ARG B 542 -29.27 -1.11 22.28
CA ARG B 542 -29.50 -1.48 23.67
C ARG B 542 -30.73 -0.74 24.17
N LEU B 543 -31.23 -1.19 25.31
CA LEU B 543 -32.42 -0.63 25.93
C LEU B 543 -32.04 0.21 27.15
N SER B 544 -32.90 1.19 27.43
CA SER B 544 -32.84 2.21 28.49
C SER B 544 -32.09 3.47 28.06
N THR B 545 -31.39 3.43 26.92
CA THR B 545 -30.79 4.65 26.38
C THR B 545 -31.82 5.54 25.68
N ILE B 546 -33.06 5.07 25.58
CA ILE B 546 -34.12 5.81 24.90
C ILE B 546 -35.20 6.32 25.86
N THR B 547 -35.45 5.58 26.95
CA THR B 547 -36.42 5.88 28.01
C THR B 547 -37.31 7.09 27.77
N GLN B 548 -36.71 8.27 27.60
CA GLN B 548 -37.46 9.47 27.30
C GLN B 548 -38.17 9.40 25.94
N CYS B 549 -37.84 8.40 25.12
CA CYS B 549 -38.57 8.18 23.88
C CYS B 549 -39.99 7.75 24.17
N ASP B 550 -40.96 8.51 23.64
CA ASP B 550 -42.37 8.15 23.82
C ASP B 550 -42.73 6.89 23.05
N LYS B 551 -42.00 6.58 21.99
CA LYS B 551 -42.23 5.38 21.19
C LYS B 551 -40.96 4.55 21.15
N VAL B 552 -41.11 3.24 21.29
CA VAL B 552 -40.00 2.29 21.22
C VAL B 552 -40.44 1.17 20.30
N TYR B 553 -40.02 1.24 19.03
CA TYR B 553 -40.37 0.22 18.04
C TYR B 553 -39.26 -0.83 18.00
N ARG B 554 -39.61 -2.06 18.35
CA ARG B 554 -38.68 -3.18 18.29
C ARG B 554 -38.96 -4.00 17.05
N LEU B 555 -38.01 -4.04 16.12
CA LEU B 555 -38.11 -4.88 14.94
C LEU B 555 -37.51 -6.25 15.26
N GLU B 556 -38.31 -7.31 15.07
CA GLU B 556 -37.85 -8.65 15.37
C GLU B 556 -37.44 -9.36 14.09
N HIS B 557 -38.23 -10.34 13.67
CA HIS B 557 -37.90 -11.12 12.48
C HIS B 557 -38.89 -10.83 11.36
N GLY B 558 -38.96 -9.56 10.94
CA GLY B 558 -39.84 -9.13 9.88
C GLY B 558 -40.95 -8.21 10.36
N LYS B 559 -41.44 -8.41 11.58
CA LYS B 559 -42.51 -7.61 12.13
C LYS B 559 -41.97 -6.53 13.07
N LEU B 560 -42.76 -5.49 13.27
CA LEU B 560 -42.38 -4.36 14.10
C LEU B 560 -43.24 -4.34 15.36
N LYS B 561 -42.63 -4.66 16.49
CA LYS B 561 -43.30 -4.59 17.78
C LYS B 561 -43.03 -3.25 18.45
N GLU B 562 -43.88 -2.91 19.41
CA GLU B 562 -43.77 -1.65 20.14
C GLU B 562 -43.61 -1.94 21.62
N GLU B 563 -42.64 -1.27 22.26
CA GLU B 563 -42.38 -1.47 23.68
C GLU B 563 -42.95 -0.33 24.51
N LYS B 564 -42.14 0.71 24.75
CA LYS B 564 -42.58 1.85 25.53
C LYS B 564 -43.13 2.95 24.64
N GLN C 1 -1.33 -0.45 19.70
CA GLN C 1 -0.46 -0.76 20.81
C GLN C 1 0.21 0.51 21.36
N VAL C 2 -0.47 1.64 21.16
CA VAL C 2 0.04 2.96 21.53
C VAL C 2 0.50 2.98 22.97
N GLN C 3 1.81 3.14 23.19
CA GLN C 3 2.40 3.17 24.52
C GLN C 3 3.33 4.36 24.61
N LEU C 4 2.97 5.33 25.46
CA LEU C 4 3.77 6.52 25.67
C LEU C 4 4.37 6.47 27.07
N GLN C 5 5.58 7.01 27.21
CA GLN C 5 6.28 7.02 28.50
C GLN C 5 6.99 8.36 28.65
N GLU C 6 6.49 9.20 29.54
CA GLU C 6 7.12 10.48 29.87
C GLU C 6 7.84 10.36 31.21
N SER C 7 9.06 10.90 31.27
CA SER C 7 9.87 10.78 32.48
C SER C 7 10.92 11.91 32.44
N GLY C 8 10.66 12.99 33.16
CA GLY C 8 11.58 14.10 33.23
C GLY C 8 11.11 15.20 34.14
N GLY C 9 10.28 14.86 35.12
CA GLY C 9 9.75 15.85 36.04
C GLY C 9 9.89 15.45 37.49
N GLY C 10 10.89 16.02 38.18
CA GLY C 10 11.14 15.73 39.57
C GLY C 10 10.84 16.94 40.46
N LEU C 11 10.95 16.71 41.76
CA LEU C 11 10.70 17.74 42.76
C LEU C 11 11.87 18.71 42.82
N VAL C 12 11.65 19.94 42.31
CA VAL C 12 12.61 21.02 42.45
C VAL C 12 11.86 22.27 42.89
N GLN C 13 12.46 23.05 43.78
CA GLN C 13 11.76 24.13 44.46
C GLN C 13 11.20 25.14 43.46
N PRO C 14 10.14 25.87 43.82
CA PRO C 14 9.45 26.70 42.83
C PRO C 14 10.29 27.90 42.40
N GLY C 15 9.85 28.55 41.33
CA GLY C 15 10.57 29.67 40.78
C GLY C 15 11.73 29.30 39.86
N GLY C 16 11.83 28.03 39.48
CA GLY C 16 12.90 27.59 38.59
C GLY C 16 12.38 27.05 37.27
N SER C 17 13.14 26.16 36.65
CA SER C 17 12.80 25.59 35.36
C SER C 17 12.67 24.07 35.47
N LEU C 18 11.77 23.51 34.66
CA LEU C 18 11.54 22.07 34.65
C LEU C 18 10.88 21.71 33.33
N ARG C 19 11.64 21.07 32.44
CA ARG C 19 11.12 20.62 31.15
C ARG C 19 10.86 19.11 31.21
N LEU C 20 9.63 18.72 30.89
CA LEU C 20 9.25 17.31 30.83
C LEU C 20 9.30 16.83 29.39
N SER C 21 9.72 15.58 29.21
CA SER C 21 9.86 14.98 27.89
C SER C 21 8.97 13.74 27.82
N CYS C 22 8.03 13.73 26.88
CA CYS C 22 7.10 12.63 26.69
C CYS C 22 7.50 11.84 25.45
N ALA C 23 7.84 10.56 25.63
CA ALA C 23 8.18 9.68 24.52
C ALA C 23 6.93 8.95 24.05
N ALA C 24 6.85 8.72 22.74
CA ALA C 24 5.69 8.09 22.13
C ALA C 24 6.14 6.92 21.27
N SER C 25 5.19 6.03 20.97
CA SER C 25 5.47 4.84 20.18
C SER C 25 4.16 4.23 19.72
N GLY C 26 4.17 3.69 18.50
CA GLY C 26 3.03 2.96 17.98
C GLY C 26 2.13 3.71 17.03
N PHE C 27 2.57 4.86 16.51
CA PHE C 27 1.74 5.65 15.61
C PHE C 27 2.62 6.69 14.94
N THR C 28 2.14 7.20 13.81
CA THR C 28 2.82 8.28 13.10
C THR C 28 2.77 9.53 13.95
N PHE C 29 3.89 9.89 14.56
CA PHE C 29 3.91 10.96 15.56
C PHE C 29 3.60 12.32 14.94
N SER C 30 3.88 12.51 13.66
CA SER C 30 3.74 13.83 13.06
C SER C 30 2.30 14.13 12.67
N SER C 31 1.55 13.13 12.22
CA SER C 31 0.18 13.37 11.79
C SER C 31 -0.76 13.66 12.95
N TYR C 32 -0.41 13.24 14.16
CA TYR C 32 -1.27 13.43 15.32
C TYR C 32 -0.88 14.69 16.07
N ALA C 33 -1.88 15.52 16.39
CA ALA C 33 -1.67 16.63 17.30
C ALA C 33 -1.67 16.11 18.74
N MET C 34 -0.99 16.85 19.62
CA MET C 34 -0.73 16.38 20.97
C MET C 34 -1.20 17.39 22.00
N SER C 35 -1.33 16.92 23.24
CA SER C 35 -1.85 17.74 24.33
C SER C 35 -1.17 17.31 25.63
N TRP C 36 -1.72 17.74 26.76
CA TRP C 36 -1.23 17.38 28.09
C TRP C 36 -2.41 17.41 29.06
N VAL C 37 -2.34 16.58 30.10
CA VAL C 37 -3.35 16.60 31.16
C VAL C 37 -2.72 16.26 32.50
N ARG C 38 -3.56 16.22 33.55
CA ARG C 38 -3.08 16.00 34.91
C ARG C 38 -4.26 15.65 35.80
N GLN C 39 -4.00 14.83 36.83
CA GLN C 39 -5.02 14.36 37.77
C GLN C 39 -4.63 14.80 39.17
N ALA C 40 -5.45 15.68 39.77
CA ALA C 40 -5.16 16.27 41.06
C ALA C 40 -5.55 15.33 42.21
N PRO C 41 -4.87 15.45 43.36
CA PRO C 41 -5.24 14.61 44.52
C PRO C 41 -6.68 14.88 44.95
N GLY C 42 -7.50 13.83 44.89
CA GLY C 42 -8.94 13.90 45.16
C GLY C 42 -9.79 14.42 44.02
N LYS C 43 -9.32 15.45 43.33
CA LYS C 43 -10.05 16.02 42.21
C LYS C 43 -9.97 15.10 41.00
N GLY C 44 -10.88 15.32 40.05
CA GLY C 44 -10.95 14.52 38.84
C GLY C 44 -9.73 14.66 37.94
N LEU C 45 -9.88 15.45 36.87
CA LEU C 45 -8.83 15.70 35.90
C LEU C 45 -8.71 17.21 35.69
N GLU C 46 -7.72 17.60 34.88
CA GLU C 46 -7.50 19.01 34.58
C GLU C 46 -6.55 19.09 33.40
N TRP C 47 -6.89 19.95 32.45
CA TRP C 47 -6.14 20.09 31.21
C TRP C 47 -4.98 21.06 31.41
N VAL C 48 -3.97 20.93 30.53
CA VAL C 48 -2.79 21.78 30.58
C VAL C 48 -2.64 22.54 29.27
N SER C 49 -2.07 21.90 28.25
CA SER C 49 -1.70 22.58 27.01
C SER C 49 -2.06 21.71 25.82
N ALA C 50 -1.85 22.26 24.63
CA ALA C 50 -2.13 21.57 23.37
C ALA C 50 -1.27 22.19 22.27
N ILE C 51 -1.16 21.47 21.15
CA ILE C 51 -0.34 21.91 20.02
C ILE C 51 -0.76 21.11 18.80
N THR C 52 -0.46 21.64 17.61
CA THR C 52 -0.96 21.08 16.37
C THR C 52 0.01 20.04 15.80
N SER C 53 -0.24 19.60 14.57
CA SER C 53 0.60 18.60 13.93
C SER C 53 1.93 19.20 13.49
N GLY C 54 1.90 20.41 12.95
CA GLY C 54 3.12 21.07 12.52
C GLY C 54 3.89 21.80 13.59
N GLY C 55 3.30 21.96 14.78
CA GLY C 55 3.96 22.70 15.83
C GLY C 55 4.01 24.20 15.63
N GLY C 56 3.12 24.73 14.78
CA GLY C 56 3.11 26.14 14.49
C GLY C 56 1.84 26.84 14.96
N SER C 57 1.18 26.26 15.96
CA SER C 57 -0.01 26.87 16.56
C SER C 57 -0.16 26.31 17.96
N THR C 58 -0.10 27.17 18.97
CA THR C 58 -0.02 26.76 20.36
C THR C 58 -1.34 27.04 21.08
N SER C 59 -1.47 26.46 22.27
CA SER C 59 -2.65 26.61 23.10
C SER C 59 -2.27 26.37 24.55
N TYR C 60 -2.93 27.09 25.45
CA TYR C 60 -2.67 26.97 26.89
C TYR C 60 -3.99 27.20 27.61
N SER C 61 -3.92 27.31 28.94
CA SER C 61 -5.08 27.58 29.78
C SER C 61 -4.82 28.82 30.62
N ASP C 62 -5.91 29.36 31.20
CA ASP C 62 -5.79 30.61 31.95
C ASP C 62 -5.00 30.45 33.24
N ALA C 63 -5.09 29.28 33.90
CA ALA C 63 -4.36 29.06 35.13
C ALA C 63 -2.87 28.85 34.90
N VAL C 64 -2.44 28.71 33.65
CA VAL C 64 -1.02 28.49 33.32
C VAL C 64 -0.62 29.38 32.16
N LYS C 65 -1.47 30.35 31.82
CA LYS C 65 -1.19 31.21 30.68
C LYS C 65 0.03 32.09 30.94
N GLY C 66 0.82 32.29 29.89
CA GLY C 66 2.06 33.04 30.01
C GLY C 66 3.03 32.46 31.02
N ARG C 67 3.20 31.15 31.01
CA ARG C 67 4.05 30.50 32.00
C ARG C 67 4.84 29.39 31.32
N PHE C 68 4.24 28.79 30.29
CA PHE C 68 4.83 27.66 29.60
C PHE C 68 4.97 27.95 28.11
N THR C 69 5.95 27.31 27.50
CA THR C 69 6.15 27.34 26.05
C THR C 69 6.35 25.91 25.57
N ILE C 70 5.43 25.41 24.76
CA ILE C 70 5.42 24.03 24.30
C ILE C 70 6.16 23.91 22.98
N SER C 71 6.98 22.87 22.86
CA SER C 71 7.73 22.60 21.65
C SER C 71 7.58 21.13 21.28
N ARG C 72 7.55 20.86 19.98
CA ARG C 72 7.45 19.50 19.46
C ARG C 72 8.71 19.17 18.68
N ASP C 73 9.29 18.00 18.98
CA ASP C 73 10.45 17.50 18.27
C ASP C 73 10.00 16.25 17.51
N ASN C 74 9.63 16.42 16.25
CA ASN C 74 9.20 15.31 15.41
C ASN C 74 10.36 14.43 14.95
N ALA C 75 11.56 14.65 15.48
CA ALA C 75 12.72 13.82 15.13
C ALA C 75 12.87 12.66 16.11
N LYS C 76 13.02 12.95 17.40
CA LYS C 76 13.09 11.93 18.44
C LYS C 76 11.72 11.53 18.96
N ASN C 77 10.64 11.97 18.30
CA ASN C 77 9.27 11.62 18.68
C ASN C 77 9.02 11.94 20.15
N THR C 78 9.30 13.17 20.53
CA THR C 78 9.16 13.62 21.92
C THR C 78 8.35 14.90 21.97
N LEU C 79 7.48 14.99 22.97
CA LEU C 79 6.64 16.17 23.21
C LEU C 79 7.13 16.84 24.48
N TYR C 80 7.74 18.01 24.34
CA TYR C 80 8.30 18.72 25.47
C TYR C 80 7.27 19.68 26.07
N LEU C 81 7.58 20.18 27.27
CA LEU C 81 6.74 21.18 27.92
C LEU C 81 7.58 21.85 29.02
N GLN C 82 7.94 23.12 28.79
CA GLN C 82 8.66 23.89 29.79
C GLN C 82 7.73 24.31 30.91
N MET C 83 8.27 24.35 32.14
CA MET C 83 7.46 24.72 33.30
C MET C 83 8.22 25.69 34.19
N ASN C 84 7.56 26.77 34.59
CA ASN C 84 8.11 27.76 35.51
C ASN C 84 7.06 28.10 36.56
N SER C 85 7.48 28.11 37.83
CA SER C 85 6.64 28.44 38.98
C SER C 85 5.56 27.39 39.23
N LEU C 86 5.44 26.95 40.49
CA LEU C 86 4.51 25.90 40.87
C LEU C 86 3.58 26.37 41.97
N LYS C 87 2.28 26.18 41.77
CA LYS C 87 1.18 26.51 42.65
C LYS C 87 0.69 25.25 43.36
N PRO C 88 0.03 25.38 44.52
CA PRO C 88 -0.58 24.20 45.14
C PRO C 88 -1.66 23.55 44.27
N GLU C 89 -1.30 23.22 43.03
CA GLU C 89 -2.20 22.60 42.06
C GLU C 89 -1.36 22.12 40.88
N ASP C 90 -0.26 22.83 40.61
CA ASP C 90 0.70 22.43 39.59
C ASP C 90 1.54 21.29 40.16
N THR C 91 0.94 20.11 40.14
CA THR C 91 1.46 18.95 40.87
C THR C 91 0.81 17.69 40.34
N ALA C 92 -0.39 17.84 39.79
CA ALA C 92 -1.29 16.75 39.46
C ALA C 92 -0.76 15.74 38.45
N VAL C 93 0.57 15.63 38.33
CA VAL C 93 1.25 14.62 37.52
C VAL C 93 0.84 14.72 36.05
N TYR C 94 1.68 15.36 35.25
CA TYR C 94 1.38 15.60 33.83
C TYR C 94 1.74 14.34 33.04
N TYR C 95 0.72 13.67 32.50
CA TYR C 95 0.94 12.47 31.71
C TYR C 95 1.41 12.82 30.30
N CYS C 96 0.52 12.71 29.31
CA CYS C 96 0.84 13.11 27.94
C CYS C 96 -0.39 13.13 27.04
N ALA C 97 -1.06 11.98 26.92
CA ALA C 97 -2.24 11.79 26.07
C ALA C 97 -1.92 11.97 24.58
N LYS C 98 -2.84 11.56 23.71
CA LYS C 98 -2.55 11.53 22.28
C LYS C 98 -3.06 12.80 21.60
N GLY C 99 -4.31 12.76 21.12
CA GLY C 99 -4.86 13.85 20.34
C GLY C 99 -5.17 15.12 21.12
N TYR C 100 -6.37 15.65 20.94
CA TYR C 100 -6.84 16.81 21.70
C TYR C 100 -7.71 16.32 22.85
N VAL C 101 -7.11 16.21 24.03
CA VAL C 101 -7.86 15.96 25.25
C VAL C 101 -8.09 17.32 25.90
N VAL C 102 -9.33 17.79 25.91
CA VAL C 102 -9.57 19.16 26.32
C VAL C 102 -11.02 19.38 26.75
N ASP C 103 -11.93 18.54 26.26
CA ASP C 103 -13.32 18.64 26.67
C ASP C 103 -13.55 17.82 27.94
N PHE C 104 -14.77 17.84 28.45
CA PHE C 104 -15.10 17.07 29.66
C PHE C 104 -15.84 15.78 29.29
N LEU C 105 -15.15 14.96 28.51
CA LEU C 105 -15.62 13.60 28.21
C LEU C 105 -14.49 12.83 27.55
N ASP C 106 -13.75 13.51 26.65
CA ASP C 106 -12.59 12.91 26.01
C ASP C 106 -11.40 12.81 26.95
N LEU C 107 -11.57 13.20 28.21
CA LEU C 107 -10.54 12.99 29.22
C LEU C 107 -10.56 11.58 29.77
N ALA C 108 -11.73 10.94 29.79
CA ALA C 108 -11.83 9.56 30.24
C ALA C 108 -11.34 8.60 29.16
N GLU C 109 -10.15 8.86 28.63
CA GLU C 109 -9.58 8.06 27.56
C GLU C 109 -8.11 7.81 27.84
N TYR C 110 -7.70 6.54 27.77
CA TYR C 110 -6.32 6.13 28.01
C TYR C 110 -5.52 6.10 26.72
N ASP C 111 -5.53 7.23 26.00
CA ASP C 111 -4.85 7.32 24.71
C ASP C 111 -3.33 7.29 24.84
N SER C 112 -2.79 7.34 26.07
CA SER C 112 -1.35 7.25 26.26
C SER C 112 -1.01 6.66 27.62
N TRP C 113 -1.11 7.48 28.66
CA TRP C 113 -0.75 7.09 30.03
C TRP C 113 0.71 6.65 30.09
N GLY C 114 1.07 5.89 31.11
CA GLY C 114 2.44 5.41 31.21
C GLY C 114 3.19 5.99 32.38
N GLN C 115 3.09 5.33 33.54
CA GLN C 115 3.82 5.69 34.75
C GLN C 115 3.53 7.13 35.17
N GLY C 116 4.34 8.06 34.72
CA GLY C 116 4.21 9.45 35.07
C GLY C 116 5.33 9.93 35.98
N THR C 117 5.45 11.25 36.09
CA THR C 117 6.47 11.89 36.91
C THR C 117 5.79 12.85 37.87
N GLN C 118 5.80 12.50 39.16
CA GLN C 118 5.17 13.32 40.18
C GLN C 118 6.00 14.57 40.47
N VAL C 119 5.38 15.74 40.40
CA VAL C 119 6.06 17.00 40.64
C VAL C 119 5.30 17.79 41.68
N THR C 120 5.32 17.34 42.94
CA THR C 120 4.65 18.03 44.04
C THR C 120 5.62 19.02 44.66
N VAL C 121 5.70 20.20 44.03
CA VAL C 121 6.61 21.25 44.47
C VAL C 121 5.83 22.15 45.41
N SER C 122 6.02 21.94 46.71
CA SER C 122 5.36 22.75 47.73
C SER C 122 6.20 23.99 48.02
N SER C 123 5.84 24.73 49.06
CA SER C 123 6.54 25.95 49.44
C SER C 123 7.97 25.65 49.91
PB ADP D . -17.42 -7.71 22.93
O1B ADP D . -18.03 -6.79 21.91
O2B ADP D . -18.36 -8.13 24.04
O3B ADP D . -16.59 -8.83 22.37
PA ADP D . -14.81 -6.74 23.26
O1A ADP D . -14.70 -6.96 21.77
O2A ADP D . -14.03 -7.62 24.20
O3A ADP D . -16.36 -6.79 23.70
O5' ADP D . -14.40 -5.22 23.55
C5' ADP D . -13.70 -4.87 24.73
C4' ADP D . -12.74 -3.73 24.45
O4' ADP D . -11.51 -4.26 23.94
C3' ADP D . -13.30 -2.76 23.42
O3' ADP D . -13.51 -1.46 24.00
C2' ADP D . -12.25 -2.67 22.32
O2' ADP D . -11.72 -1.34 22.26
C1' ADP D . -11.14 -3.64 22.70
N9 ADP D . -11.01 -4.68 21.66
C8 ADP D . -11.66 -5.85 21.69
N7 ADP D . -11.35 -6.61 20.61
C5 ADP D . -10.48 -5.89 19.86
C6 ADP D . -9.74 -6.08 18.59
N6 ADP D . -9.87 -7.21 17.85
N1 ADP D . -8.93 -5.09 18.16
C2 ADP D . -8.79 -3.95 18.87
N3 ADP D . -9.42 -3.70 20.03
C4 ADP D . -10.26 -4.62 20.57
PB ADP E . -30.06 -3.44 9.98
O1B ADP E . -28.89 -2.62 10.44
O2B ADP E . -31.11 -2.66 9.23
O3B ADP E . -30.60 -4.42 11.00
PA ADP E . -28.62 -3.68 7.61
O1A ADP E . -29.57 -2.78 6.85
O2A ADP E . -27.32 -3.14 8.15
O3A ADP E . -29.46 -4.36 8.80
O5' ADP E . -28.28 -4.95 6.70
C5' ADP E . -29.31 -5.84 6.28
C4' ADP E . -28.68 -6.91 5.41
O4' ADP E . -28.26 -6.32 4.18
C3' ADP E . -27.46 -7.51 6.08
O3' ADP E . -27.67 -8.90 6.35
C2' ADP E . -26.31 -7.34 5.10
O2' ADP E . -25.81 -8.62 4.70
C1' ADP E . -26.89 -6.61 3.90
N9 ADP E . -26.15 -5.36 3.64
C8 ADP E . -26.14 -4.30 4.46
N7 ADP E . -25.38 -3.30 3.95
C5 ADP E . -24.89 -3.73 2.76
C6 ADP E . -24.02 -3.19 1.68
N6 ADP E . -23.49 -1.94 1.77
N1 ADP E . -23.77 -3.97 0.62
C2 ADP E . -24.29 -5.20 0.51
N3 ADP E . -25.08 -5.77 1.44
C4 ADP E . -25.41 -5.09 2.57
#